data_2VR3
#
_entry.id   2VR3
#
_cell.length_a   35.427
_cell.length_b   61.836
_cell.length_c   81.777
_cell.angle_alpha   85.44
_cell.angle_beta   81.84
_cell.angle_gamma   82.45
#
_symmetry.space_group_name_H-M   'P 1'
#
loop_
_entity.id
_entity.type
_entity.pdbx_description
1 polymer 'CLUMPING FACTOR A'
2 polymer 'FIBRINOGEN GAMMA-CHAIN'
3 water water
#
loop_
_entity_poly.entity_id
_entity_poly.type
_entity_poly.pdbx_seq_one_letter_code
_entity_poly.pdbx_strand_id
1 'polypeptide(L)'
;MRGSHHHHHHGSGTDITNQLTNVTVGIDSGTTVYPHQAGYVKLNYGFSVPNSAVKGDTFKITVPKELNLNGVTSTAKVPP
IMAGDQVLANGVIDSDGNVIYTFTDYVNTKCDVKATLTMPAYIDPENVKKTGNVTLATGIGSTTANKTVLVDYEKYGKFY
NLSIKGTIDQIDKTNNTYRQTIYVNPSGDNVIAPVLTGNLKPNTDSNALIDQQNTSIKVYKVDNAADLSESYFVNPENFE
DVTNSVNITFPNPNQYKVEFNTPDDQITTPYIVVVNGHIDPNSKGDLALRSTLYGYNSNIIWRSMSWDNEVAFNNGSGSG
DGIDCPVVP
;
A,B
2 'polypeptide(L)' QHHLGGAKQAGAV C,D
#
# COMPACT_ATOMS: atom_id res chain seq x y z
N THR A 14 3.26 9.55 33.57
CA THR A 14 3.67 10.99 33.40
C THR A 14 3.64 11.42 31.93
N ASP A 15 3.38 12.71 31.71
CA ASP A 15 3.50 13.25 30.39
C ASP A 15 4.92 13.72 30.20
N ILE A 16 5.62 13.14 29.21
CA ILE A 16 7.00 13.51 29.04
C ILE A 16 7.27 14.28 27.74
N THR A 17 6.19 14.71 27.09
CA THR A 17 6.27 15.50 25.89
C THR A 17 7.45 16.44 25.95
N ASN A 18 7.47 17.29 26.98
CA ASN A 18 8.49 18.32 27.02
C ASN A 18 9.89 17.82 27.26
N GLN A 19 10.04 16.56 27.66
CA GLN A 19 11.37 16.05 27.97
C GLN A 19 11.91 15.31 26.80
N LEU A 20 11.18 15.34 25.69
CA LEU A 20 11.62 14.75 24.44
C LEU A 20 12.68 15.70 23.90
N THR A 21 13.69 15.16 23.25
CA THR A 21 14.79 15.92 22.73
C THR A 21 15.06 15.60 21.22
N ASN A 22 15.77 16.49 20.54
CA ASN A 22 16.10 16.25 19.14
C ASN A 22 14.78 16.11 18.37
N VAL A 23 13.85 17.02 18.60
CA VAL A 23 12.53 16.86 18.02
C VAL A 23 12.50 17.61 16.73
N THR A 24 11.95 16.95 15.72
CA THR A 24 11.78 17.52 14.41
C THR A 24 10.38 17.19 13.93
N VAL A 25 9.80 18.10 13.16
CA VAL A 25 8.45 18.01 12.71
C VAL A 25 8.37 18.55 11.31
N GLY A 26 7.50 17.98 10.50
CA GLY A 26 7.40 18.47 9.15
C GLY A 26 6.13 18.03 8.50
N ILE A 27 5.73 18.80 7.48
CA ILE A 27 4.60 18.45 6.65
C ILE A 27 4.91 18.20 5.21
N ASP A 28 4.70 16.96 4.75
CA ASP A 28 4.90 16.61 3.34
C ASP A 28 3.61 16.72 2.53
N SER A 29 3.57 17.71 1.62
CA SER A 29 2.50 17.78 0.63
C SER A 29 2.90 18.63 -0.57
N GLY A 30 2.09 18.60 -1.63
CA GLY A 30 2.30 19.52 -2.73
C GLY A 30 1.79 20.87 -2.29
N THR A 31 1.90 21.90 -3.14
CA THR A 31 1.54 23.29 -2.81
C THR A 31 0.02 23.48 -2.92
N THR A 32 -0.58 22.66 -3.77
CA THR A 32 -2.03 22.54 -3.87
C THR A 32 -2.44 21.13 -3.43
N VAL A 33 -3.51 21.05 -2.66
CA VAL A 33 -4.01 19.77 -2.22
C VAL A 33 -5.36 19.63 -2.86
N TYR A 34 -5.66 18.47 -3.41
CA TYR A 34 -6.93 18.26 -4.07
C TYR A 34 -7.62 17.17 -3.38
N PRO A 35 -8.49 17.48 -2.39
CA PRO A 35 -9.09 16.45 -1.56
C PRO A 35 -10.02 15.53 -2.29
N HIS A 36 -10.52 15.95 -3.45
CA HIS A 36 -11.38 15.10 -4.25
C HIS A 36 -10.62 14.47 -5.43
N GLN A 37 -9.30 14.46 -5.32
CA GLN A 37 -8.46 13.71 -6.28
C GLN A 37 -7.41 12.87 -5.56
N ALA A 38 -7.77 12.41 -4.36
CA ALA A 38 -7.00 11.51 -3.55
C ALA A 38 -5.80 12.20 -2.93
N GLY A 39 -5.88 13.53 -2.85
CA GLY A 39 -4.83 14.26 -2.19
C GLY A 39 -4.93 14.19 -0.67
N TYR A 40 -3.76 14.05 -0.03
CA TYR A 40 -3.67 14.07 1.43
C TYR A 40 -2.36 14.76 1.85
N VAL A 41 -2.09 14.90 3.14
CA VAL A 41 -0.74 15.29 3.55
C VAL A 41 -0.13 14.28 4.52
N LYS A 42 1.18 14.32 4.64
CA LYS A 42 1.84 13.49 5.62
C LYS A 42 2.43 14.36 6.70
N LEU A 43 2.13 14.01 7.95
CA LEU A 43 2.76 14.61 9.10
C LEU A 43 3.92 13.68 9.49
N ASN A 44 5.11 14.27 9.62
CA ASN A 44 6.35 13.59 9.96
C ASN A 44 6.88 14.11 11.29
N TYR A 45 7.38 13.19 12.13
CA TYR A 45 7.91 13.52 13.44
C TYR A 45 9.12 12.63 13.74
N GLY A 46 10.06 13.18 14.50
CA GLY A 46 11.25 12.44 14.92
C GLY A 46 11.61 12.95 16.29
N PHE A 47 12.05 12.08 17.18
CA PHE A 47 12.47 12.55 18.48
C PHE A 47 13.33 11.55 19.21
N SER A 48 14.16 12.05 20.10
CA SER A 48 14.78 11.24 21.17
C SER A 48 13.89 11.07 22.45
N VAL A 49 13.86 9.88 23.04
CA VAL A 49 13.16 9.72 24.32
C VAL A 49 14.13 9.68 25.51
N PRO A 50 13.79 10.39 26.58
CA PRO A 50 14.58 10.41 27.81
C PRO A 50 14.78 9.02 28.38
N ASN A 51 16.04 8.66 28.66
CA ASN A 51 16.33 7.39 29.29
C ASN A 51 15.41 7.15 30.46
N SER A 52 14.99 8.24 31.10
CA SER A 52 14.19 8.10 32.32
C SER A 52 12.75 7.69 32.03
N ALA A 53 12.39 7.66 30.75
CA ALA A 53 11.11 7.13 30.30
C ALA A 53 10.92 5.73 30.81
N VAL A 54 9.74 5.50 31.35
CA VAL A 54 9.29 4.21 31.85
C VAL A 54 7.90 3.92 31.24
N LYS A 55 7.50 2.65 31.23
CA LYS A 55 6.17 2.24 30.75
C LYS A 55 4.99 3.04 31.28
N GLY A 56 4.04 3.38 30.39
CA GLY A 56 2.92 4.22 30.80
C GLY A 56 3.21 5.71 30.75
N ASP A 57 4.43 6.10 30.35
CA ASP A 57 4.72 7.51 30.17
C ASP A 57 4.07 7.92 28.86
N THR A 58 3.75 9.20 28.70
CA THR A 58 3.01 9.64 27.50
C THR A 58 3.66 10.82 26.79
N PHE A 59 3.10 11.17 25.65
CA PHE A 59 3.59 12.31 24.90
C PHE A 59 2.58 12.69 23.84
N LYS A 60 2.40 13.98 23.63
CA LYS A 60 1.24 14.37 22.84
C LYS A 60 1.50 15.12 21.55
N ILE A 61 0.98 14.58 20.46
CA ILE A 61 1.06 15.31 19.21
C ILE A 61 -0.12 16.21 18.98
N THR A 62 0.16 17.44 18.56
CA THR A 62 -0.84 18.42 18.25
C THR A 62 -1.30 18.37 16.79
N VAL A 63 -2.58 18.13 16.54
CA VAL A 63 -3.11 18.05 15.16
C VAL A 63 -4.12 19.17 14.97
N PRO A 64 -3.98 19.96 13.90
CA PRO A 64 -4.82 21.13 13.75
C PRO A 64 -6.24 20.80 13.33
N LYS A 65 -7.16 21.72 13.58
CA LYS A 65 -8.57 21.54 13.22
C LYS A 65 -8.78 21.40 11.71
N GLU A 66 -7.88 21.93 10.91
CA GLU A 66 -8.09 21.89 9.45
C GLU A 66 -7.90 20.48 8.83
N LEU A 67 -7.34 19.59 9.65
CA LEU A 67 -7.10 18.19 9.25
C LEU A 67 -7.88 17.25 10.12
N ASN A 68 -8.06 16.05 9.60
CA ASN A 68 -8.45 14.93 10.44
C ASN A 68 -7.53 13.78 10.04
N LEU A 69 -7.56 12.70 10.79
CA LEU A 69 -6.68 11.56 10.45
C LEU A 69 -7.44 10.41 9.84
N ASN A 70 -8.73 10.62 9.50
CA ASN A 70 -9.51 9.53 8.97
C ASN A 70 -9.88 9.71 7.48
N GLY A 71 -10.10 10.95 7.06
CA GLY A 71 -10.54 11.25 5.69
C GLY A 71 -11.86 10.60 5.31
N VAL A 72 -11.87 9.89 4.20
CA VAL A 72 -13.10 9.13 3.89
C VAL A 72 -13.55 8.02 4.85
N THR A 73 -12.70 7.58 5.76
CA THR A 73 -12.97 6.42 6.60
C THR A 73 -13.67 6.87 7.88
N SER A 74 -14.56 6.08 8.42
CA SER A 74 -15.26 6.56 9.64
C SER A 74 -14.34 6.95 10.83
N THR A 75 -13.27 6.18 11.08
CA THR A 75 -12.34 6.50 12.17
C THR A 75 -10.95 6.12 11.71
N ALA A 76 -9.93 6.43 12.53
CA ALA A 76 -8.59 5.97 12.21
C ALA A 76 -7.88 5.40 13.43
N LYS A 77 -6.84 4.62 13.16
CA LYS A 77 -5.89 4.12 14.11
C LYS A 77 -4.59 4.87 13.79
N VAL A 78 -3.85 5.30 14.83
CA VAL A 78 -2.51 5.84 14.57
C VAL A 78 -1.49 4.70 14.58
N PRO A 79 -0.42 4.82 13.77
CA PRO A 79 0.55 3.73 13.80
C PRO A 79 1.16 3.53 15.18
N PRO A 80 1.14 2.28 15.69
CA PRO A 80 1.96 1.99 16.85
C PRO A 80 3.39 2.13 16.40
N ILE A 81 4.27 2.60 17.28
CA ILE A 81 5.66 2.75 16.93
C ILE A 81 6.40 1.46 17.26
N MET A 82 7.08 0.89 16.25
CA MET A 82 7.60 -0.49 16.31
C MET A 82 9.13 -0.57 16.40
N ALA A 83 9.65 -1.45 17.26
CA ALA A 83 11.11 -1.56 17.40
C ALA A 83 11.63 -2.97 17.08
N VAL A 87 6.47 -3.62 20.59
CA VAL A 87 5.91 -2.29 20.44
C VAL A 87 6.52 -1.28 21.39
N LEU A 88 7.02 -0.19 20.82
CA LEU A 88 7.64 0.90 21.57
C LEU A 88 6.60 1.85 22.19
N ALA A 89 5.52 2.14 21.45
CA ALA A 89 4.40 2.97 21.97
C ALA A 89 3.09 2.73 21.24
N ASN A 90 1.99 2.85 21.95
CA ASN A 90 0.64 2.72 21.37
C ASN A 90 -0.11 4.06 21.41
N GLY A 91 -0.78 4.41 20.30
CA GLY A 91 -1.37 5.73 20.12
C GLY A 91 -2.88 5.72 20.07
N VAL A 92 -3.50 6.80 20.53
CA VAL A 92 -4.93 6.99 20.32
C VAL A 92 -5.18 8.45 20.02
N ILE A 93 -6.29 8.74 19.34
CA ILE A 93 -6.69 10.09 19.02
C ILE A 93 -7.61 10.52 20.15
N ASP A 94 -7.31 11.66 20.77
CA ASP A 94 -8.12 12.19 21.87
C ASP A 94 -9.32 13.01 21.36
N SER A 95 -10.14 13.57 22.26
CA SER A 95 -11.41 14.15 21.85
C SER A 95 -11.25 15.50 21.20
N ASP A 96 -10.04 16.03 21.26
CA ASP A 96 -9.68 17.29 20.59
C ASP A 96 -9.13 17.01 19.22
N GLY A 97 -8.93 15.73 18.91
CA GLY A 97 -8.27 15.34 17.67
C GLY A 97 -6.74 15.26 17.76
N ASN A 98 -6.19 15.49 18.94
CA ASN A 98 -4.75 15.32 19.13
C ASN A 98 -4.41 13.88 19.43
N VAL A 99 -3.12 13.51 19.31
CA VAL A 99 -2.73 12.10 19.37
C VAL A 99 -1.89 11.87 20.61
N ILE A 100 -2.32 10.93 21.48
CA ILE A 100 -1.53 10.59 22.66
C ILE A 100 -0.92 9.21 22.46
N TYR A 101 0.40 9.14 22.59
CA TYR A 101 1.14 7.90 22.57
C TYR A 101 1.58 7.53 23.97
N THR A 102 1.42 6.25 24.26
CA THR A 102 1.80 5.71 25.53
C THR A 102 2.96 4.76 25.37
N PHE A 103 4.01 5.02 26.13
CA PHE A 103 5.18 4.18 26.08
C PHE A 103 4.96 2.84 26.73
N THR A 104 5.63 1.85 26.15
CA THR A 104 5.52 0.47 26.55
C THR A 104 6.64 0.22 27.57
N ASP A 105 6.79 -1.01 28.02
CA ASP A 105 7.85 -1.34 28.97
C ASP A 105 9.21 -1.45 28.29
N TYR A 106 9.21 -1.46 26.96
CA TYR A 106 10.42 -1.33 26.17
C TYR A 106 11.36 -0.22 26.69
N VAL A 107 10.80 0.92 27.12
CA VAL A 107 11.64 2.02 27.64
C VAL A 107 12.15 1.74 29.06
N ASN A 108 11.59 0.72 29.71
CA ASN A 108 11.98 0.34 31.09
C ASN A 108 13.44 -0.12 31.07
N THR A 109 13.81 -0.82 30.00
CA THR A 109 15.12 -1.44 29.94
C THR A 109 16.03 -0.89 28.86
N LYS A 110 15.48 -0.08 27.96
CA LYS A 110 16.31 0.42 26.85
C LYS A 110 16.69 1.87 27.03
N CYS A 111 17.81 2.25 26.41
CA CYS A 111 18.42 3.56 26.59
C CYS A 111 18.74 4.11 25.23
N ASP A 112 19.07 5.40 25.18
CA ASP A 112 19.22 6.16 23.94
C ASP A 112 18.11 5.79 22.95
N VAL A 113 16.89 5.80 23.45
CA VAL A 113 15.78 5.50 22.55
C VAL A 113 15.42 6.66 21.59
N LYS A 114 15.04 6.28 20.38
CA LYS A 114 14.76 7.26 19.35
C LYS A 114 13.62 6.73 18.49
N ALA A 115 12.88 7.63 17.85
CA ALA A 115 11.74 7.17 17.09
C ALA A 115 11.35 8.16 16.03
N THR A 116 10.73 7.64 14.98
CA THR A 116 10.21 8.44 13.93
C THR A 116 8.84 7.90 13.59
N LEU A 117 8.00 8.79 13.09
CA LEU A 117 6.61 8.52 12.94
C LEU A 117 6.12 9.28 11.71
N THR A 118 5.25 8.66 10.95
CA THR A 118 4.56 9.35 9.88
C THR A 118 3.06 9.07 9.97
N MET A 119 2.25 10.12 9.86
CA MET A 119 0.78 9.92 9.73
C MET A 119 0.18 10.66 8.52
N PRO A 120 -0.54 9.94 7.62
CA PRO A 120 -1.32 10.66 6.59
C PRO A 120 -2.38 11.45 7.31
N ALA A 121 -2.71 12.62 6.77
CA ALA A 121 -3.75 13.46 7.34
C ALA A 121 -4.49 14.05 6.15
N TYR A 122 -5.75 14.44 6.37
CA TYR A 122 -6.66 14.76 5.32
C TYR A 122 -7.31 16.06 5.63
N ILE A 123 -7.66 16.82 4.59
CA ILE A 123 -8.33 18.13 4.76
C ILE A 123 -9.69 17.84 5.36
N ASP A 124 -9.95 18.41 6.51
CA ASP A 124 -11.26 18.12 7.16
C ASP A 124 -12.32 18.96 6.49
N PRO A 125 -13.29 18.29 5.85
CA PRO A 125 -14.49 18.73 5.14
C PRO A 125 -15.31 19.78 5.90
N GLU A 126 -15.57 19.57 7.17
CA GLU A 126 -16.33 20.59 7.93
C GLU A 126 -15.52 21.86 8.27
N ASN A 127 -14.24 21.74 8.60
CA ASN A 127 -13.47 22.93 8.94
C ASN A 127 -12.91 23.61 7.71
N VAL A 128 -12.79 22.87 6.61
CA VAL A 128 -12.41 23.51 5.34
C VAL A 128 -13.52 23.32 4.29
N LYS A 129 -14.54 24.19 4.37
CA LYS A 129 -15.75 24.10 3.58
C LYS A 129 -15.55 24.61 2.17
N LYS A 130 -14.66 25.59 1.98
CA LYS A 130 -14.42 26.11 0.62
C LYS A 130 -12.99 25.95 0.14
N THR A 131 -12.83 26.08 -1.18
CA THR A 131 -11.53 26.20 -1.84
C THR A 131 -10.82 27.48 -1.42
N GLY A 132 -9.56 27.35 -0.98
CA GLY A 132 -8.71 28.48 -0.67
C GLY A 132 -7.42 28.12 0.05
N ASN A 133 -6.65 29.15 0.40
CA ASN A 133 -5.39 28.98 1.10
C ASN A 133 -5.58 28.55 2.57
N VAL A 134 -4.90 27.47 2.97
CA VAL A 134 -4.99 26.95 4.35
C VAL A 134 -3.53 26.79 4.86
N THR A 135 -3.27 27.32 6.05
CA THR A 135 -1.97 27.18 6.70
C THR A 135 -2.14 26.07 7.75
N LEU A 136 -1.42 24.96 7.56
CA LEU A 136 -1.52 23.75 8.40
C LEU A 136 -0.33 23.71 9.33
N ALA A 137 -0.58 23.37 10.59
CA ALA A 137 0.45 23.34 11.59
C ALA A 137 0.23 22.16 12.50
N THR A 138 1.31 21.45 12.81
CA THR A 138 1.29 20.35 13.76
C THR A 138 2.62 20.44 14.52
N GLY A 139 2.81 19.60 15.53
CA GLY A 139 3.96 19.72 16.34
C GLY A 139 3.97 18.78 17.50
N ILE A 140 5.08 18.75 18.23
CA ILE A 140 5.17 18.02 19.49
C ILE A 140 5.82 18.93 20.52
N GLY A 141 5.05 19.28 21.54
CA GLY A 141 5.50 20.35 22.41
C GLY A 141 5.70 21.68 21.68
N SER A 142 6.81 22.32 21.97
CA SER A 142 7.15 23.61 21.39
C SER A 142 7.69 23.52 19.96
N THR A 143 8.10 22.32 19.57
CA THR A 143 8.59 22.08 18.20
C THR A 143 7.40 21.92 17.27
N THR A 144 7.23 22.85 16.34
CA THR A 144 6.12 22.78 15.44
C THR A 144 6.58 22.89 14.00
N ALA A 145 5.69 22.55 13.06
CA ALA A 145 5.93 22.78 11.63
C ALA A 145 4.68 23.41 11.09
N ASN A 146 4.80 24.28 10.09
CA ASN A 146 3.63 24.76 9.42
C ASN A 146 3.84 24.87 7.93
N LYS A 147 2.73 24.83 7.22
CA LYS A 147 2.73 24.90 5.79
C LYS A 147 1.44 25.58 5.38
N THR A 148 1.51 26.39 4.34
CA THR A 148 0.33 27.03 3.80
C THR A 148 0.14 26.50 2.42
N VAL A 149 -1.05 25.96 2.16
CA VAL A 149 -1.36 25.37 0.85
C VAL A 149 -2.71 25.84 0.38
N LEU A 150 -2.93 25.73 -0.93
CA LEU A 150 -4.25 25.96 -1.47
C LEU A 150 -5.00 24.62 -1.39
N VAL A 151 -6.18 24.62 -0.78
CA VAL A 151 -7.04 23.45 -0.88
C VAL A 151 -7.94 23.70 -2.08
N ASP A 152 -7.79 22.93 -3.17
CA ASP A 152 -8.64 23.08 -4.35
C ASP A 152 -9.65 21.92 -4.42
N TYR A 153 -10.96 22.20 -4.19
CA TYR A 153 -12.03 21.19 -4.37
C TYR A 153 -12.52 21.14 -5.80
N GLU A 154 -12.03 22.06 -6.63
CA GLU A 154 -12.34 21.99 -8.03
C GLU A 154 -13.83 22.20 -8.31
N LYS A 155 -14.26 21.62 -9.43
CA LYS A 155 -15.57 21.91 -9.98
C LYS A 155 -16.47 20.69 -10.10
N TYR A 156 -17.77 20.90 -9.86
CA TYR A 156 -18.79 19.94 -10.27
C TYR A 156 -18.80 19.67 -11.76
N GLY A 157 -19.32 18.52 -12.15
CA GLY A 157 -19.35 18.11 -13.54
C GLY A 157 -20.58 18.58 -14.31
N LYS A 158 -20.39 18.89 -15.60
CA LYS A 158 -21.45 19.50 -16.42
C LYS A 158 -21.42 19.18 -17.89
N PHE A 159 -22.61 19.07 -18.47
CA PHE A 159 -22.83 18.62 -19.82
C PHE A 159 -24.19 19.17 -20.24
N TYR A 160 -24.17 20.11 -21.19
CA TYR A 160 -25.33 20.94 -21.49
C TYR A 160 -26.00 21.45 -20.19
N ASN A 161 -27.29 21.20 -20.01
CA ASN A 161 -27.96 21.68 -18.75
C ASN A 161 -27.92 20.68 -17.57
N LEU A 162 -27.05 19.67 -17.67
CA LEU A 162 -26.89 18.58 -16.67
C LEU A 162 -25.62 18.66 -15.83
N SER A 163 -25.73 19.18 -14.61
CA SER A 163 -24.63 19.19 -13.61
C SER A 163 -24.82 18.20 -12.43
N ILE A 164 -23.71 17.76 -11.87
CA ILE A 164 -23.68 16.69 -10.90
C ILE A 164 -22.28 16.57 -10.35
N LYS A 165 -22.19 16.35 -9.05
CA LYS A 165 -20.98 15.90 -8.40
C LYS A 165 -21.33 15.27 -7.07
N GLY A 166 -20.51 14.30 -6.68
CA GLY A 166 -20.77 13.50 -5.51
C GLY A 166 -19.47 13.18 -4.81
N THR A 167 -19.56 12.90 -3.54
CA THR A 167 -18.40 12.57 -2.69
C THR A 167 -18.87 11.54 -1.69
N ILE A 168 -17.92 10.74 -1.21
CA ILE A 168 -18.23 9.70 -0.24
C ILE A 168 -17.68 10.15 1.11
N ASP A 169 -18.34 9.73 2.19
CA ASP A 169 -17.74 9.83 3.50
C ASP A 169 -18.00 8.59 4.36
N GLN A 170 -17.50 8.65 5.59
CA GLN A 170 -17.82 7.66 6.62
C GLN A 170 -17.79 6.21 6.15
N ILE A 171 -16.85 5.83 5.29
CA ILE A 171 -16.70 4.39 5.05
C ILE A 171 -16.36 3.72 6.38
N ASP A 172 -17.35 3.02 6.90
CA ASP A 172 -17.15 2.30 8.15
C ASP A 172 -16.87 0.83 7.85
N LYS A 173 -15.65 0.35 8.02
CA LYS A 173 -15.38 -1.03 7.70
C LYS A 173 -15.64 -2.01 8.86
N THR A 174 -16.04 -1.49 10.03
CA THR A 174 -16.51 -2.37 11.11
C THR A 174 -17.93 -2.80 10.82
N ASN A 175 -18.76 -1.81 10.52
CA ASN A 175 -20.16 -2.02 10.20
C ASN A 175 -20.47 -2.20 8.71
N ASN A 176 -19.49 -2.12 7.82
CA ASN A 176 -19.80 -2.28 6.39
C ASN A 176 -20.85 -1.32 5.83
N THR A 177 -20.67 -0.03 6.13
CA THR A 177 -21.60 0.94 5.63
C THR A 177 -20.79 1.95 4.89
N TYR A 178 -21.46 2.82 4.13
CA TYR A 178 -20.81 3.99 3.56
C TYR A 178 -21.84 5.06 3.42
N ARG A 179 -21.41 6.31 3.32
CA ARG A 179 -22.35 7.36 2.97
C ARG A 179 -21.87 8.15 1.77
N GLN A 180 -22.80 8.54 0.90
CA GLN A 180 -22.45 9.29 -0.31
C GLN A 180 -23.31 10.54 -0.52
N THR A 181 -22.66 11.69 -0.66
CA THR A 181 -23.41 12.95 -0.85
C THR A 181 -23.32 13.38 -2.32
N ILE A 182 -24.48 13.54 -2.94
CA ILE A 182 -24.52 13.97 -4.31
C ILE A 182 -25.23 15.31 -4.47
N TYR A 183 -24.58 16.25 -5.13
CA TYR A 183 -25.29 17.48 -5.55
C TYR A 183 -25.88 17.28 -6.94
N VAL A 184 -27.22 17.27 -7.05
CA VAL A 184 -27.86 17.20 -8.37
C VAL A 184 -28.20 18.61 -8.85
N ASN A 185 -27.89 18.92 -10.11
CA ASN A 185 -28.09 20.24 -10.64
C ASN A 185 -27.44 21.34 -9.75
N PRO A 186 -26.21 21.10 -9.28
CA PRO A 186 -25.61 22.18 -8.49
C PRO A 186 -25.56 23.47 -9.32
N SER A 187 -25.57 23.36 -10.64
CA SER A 187 -25.52 24.59 -11.41
C SER A 187 -26.83 25.37 -11.51
N GLY A 188 -27.89 24.92 -10.85
CA GLY A 188 -29.18 25.65 -10.93
C GLY A 188 -29.85 25.71 -12.32
N ASP A 189 -29.53 24.78 -13.21
CA ASP A 189 -30.18 24.75 -14.52
C ASP A 189 -31.66 24.32 -14.43
N ASN A 190 -32.41 24.54 -15.51
CA ASN A 190 -33.75 23.96 -15.67
C ASN A 190 -33.55 22.55 -16.23
N VAL A 191 -34.07 21.52 -15.57
CA VAL A 191 -33.97 20.22 -16.20
C VAL A 191 -35.37 19.71 -16.40
N ILE A 192 -35.65 19.20 -17.59
CA ILE A 192 -36.98 18.67 -17.81
C ILE A 192 -36.94 17.17 -17.66
N ALA A 193 -37.87 16.66 -16.83
CA ALA A 193 -37.93 15.25 -16.42
C ALA A 193 -36.59 14.67 -15.99
N PRO A 194 -35.99 15.24 -14.94
CA PRO A 194 -34.70 14.77 -14.50
C PRO A 194 -34.80 13.42 -13.82
N VAL A 195 -33.79 12.58 -14.04
CA VAL A 195 -33.71 11.29 -13.38
C VAL A 195 -32.29 11.06 -12.94
N LEU A 196 -32.13 10.57 -11.73
CA LEU A 196 -30.83 10.13 -11.23
C LEU A 196 -30.83 8.64 -11.00
N THR A 197 -29.77 7.96 -11.46
CA THR A 197 -29.53 6.57 -11.03
C THR A 197 -28.20 6.49 -10.29
N GLY A 198 -28.12 5.52 -9.40
CA GLY A 198 -26.91 5.26 -8.63
C GLY A 198 -26.49 3.85 -8.96
N ASN A 199 -25.25 3.66 -9.40
CA ASN A 199 -24.74 2.40 -9.94
C ASN A 199 -23.40 2.08 -9.30
N LEU A 200 -22.89 0.89 -9.62
CA LEU A 200 -21.53 0.54 -9.35
C LEU A 200 -20.75 1.10 -10.55
N LYS A 201 -19.45 1.32 -10.39
CA LYS A 201 -18.59 1.74 -11.52
C LYS A 201 -18.13 0.50 -12.24
N PRO A 202 -18.34 0.45 -13.57
CA PRO A 202 -18.09 -0.84 -14.20
C PRO A 202 -16.68 -1.34 -13.97
N ASN A 203 -16.51 -2.66 -13.97
CA ASN A 203 -15.20 -3.29 -13.95
C ASN A 203 -14.28 -2.95 -12.79
N THR A 204 -14.87 -2.68 -11.62
CA THR A 204 -14.07 -2.32 -10.45
C THR A 204 -14.17 -3.45 -9.37
N ASP A 205 -15.01 -4.42 -9.66
CA ASP A 205 -15.50 -5.39 -8.68
C ASP A 205 -16.04 -4.68 -7.45
N SER A 206 -16.85 -3.63 -7.71
CA SER A 206 -17.25 -2.65 -6.68
C SER A 206 -17.95 -3.39 -5.58
N ASN A 207 -17.75 -2.93 -4.35
CA ASN A 207 -18.18 -3.66 -3.16
C ASN A 207 -19.46 -3.09 -2.54
N ALA A 208 -19.94 -1.95 -3.06
CA ALA A 208 -21.34 -1.51 -2.81
C ALA A 208 -22.48 -2.53 -3.05
N LEU A 209 -23.48 -2.45 -2.19
CA LEU A 209 -24.62 -3.36 -2.21
C LEU A 209 -25.76 -2.34 -2.28
N ILE A 210 -26.36 -2.22 -3.44
CA ILE A 210 -27.34 -1.18 -3.67
C ILE A 210 -28.68 -1.80 -3.93
N ASP A 211 -29.52 -1.83 -2.89
CA ASP A 211 -30.83 -2.46 -3.00
C ASP A 211 -31.78 -1.98 -1.88
N GLN A 212 -32.98 -2.51 -1.85
CA GLN A 212 -33.97 -2.03 -0.87
C GLN A 212 -33.51 -2.11 0.59
N GLN A 213 -32.87 -3.21 0.98
CA GLN A 213 -32.57 -3.48 2.38
C GLN A 213 -31.16 -3.04 2.78
N ASN A 214 -30.32 -2.73 1.79
CA ASN A 214 -29.03 -2.11 2.06
C ASN A 214 -28.95 -0.61 1.82
N THR A 215 -29.96 -0.01 1.21
CA THR A 215 -29.78 1.37 0.78
C THR A 215 -30.89 2.32 1.23
N SER A 216 -30.56 3.36 1.99
CA SER A 216 -31.57 4.37 2.29
C SER A 216 -31.17 5.73 1.78
N ILE A 217 -32.06 6.30 0.98
CA ILE A 217 -31.85 7.56 0.32
C ILE A 217 -32.74 8.66 0.93
N LYS A 218 -32.17 9.84 1.12
CA LYS A 218 -32.93 11.03 1.46
C LYS A 218 -32.62 12.06 0.37
N VAL A 219 -33.60 12.90 0.03
CA VAL A 219 -33.31 14.04 -0.86
C VAL A 219 -33.84 15.37 -0.34
N TYR A 220 -33.00 16.39 -0.46
CA TYR A 220 -33.26 17.71 0.07
C TYR A 220 -33.32 18.69 -1.09
N LYS A 221 -34.28 19.61 -1.02
CA LYS A 221 -34.27 20.76 -1.95
C LYS A 221 -33.26 21.84 -1.52
N VAL A 222 -32.52 22.43 -2.47
CA VAL A 222 -31.66 23.58 -2.11
C VAL A 222 -32.22 24.89 -2.64
N ASP A 223 -32.40 25.86 -1.74
CA ASP A 223 -32.83 27.21 -2.09
C ASP A 223 -31.77 27.92 -2.92
N ASN A 224 -30.58 28.06 -2.35
CA ASN A 224 -29.51 28.81 -3.00
C ASN A 224 -28.27 27.95 -3.10
N ALA A 225 -27.79 27.72 -4.33
CA ALA A 225 -26.53 27.02 -4.51
C ALA A 225 -25.51 27.53 -3.50
N ALA A 226 -25.57 28.83 -3.21
CA ALA A 226 -24.63 29.49 -2.29
C ALA A 226 -24.51 28.88 -0.91
N ASP A 227 -25.57 28.21 -0.47
CA ASP A 227 -25.60 27.53 0.85
C ASP A 227 -24.91 26.16 0.85
N LEU A 228 -24.49 25.70 -0.33
CA LEU A 228 -23.70 24.44 -0.47
C LEU A 228 -22.18 24.50 -0.21
N SER A 229 -21.66 23.48 0.47
CA SER A 229 -20.21 23.34 0.68
C SER A 229 -19.49 22.93 -0.58
N GLU A 230 -18.31 23.50 -0.83
CA GLU A 230 -17.42 22.96 -1.87
C GLU A 230 -16.84 21.66 -1.38
N SER A 231 -16.73 21.53 -0.05
CA SER A 231 -16.21 20.32 0.56
C SER A 231 -17.26 19.21 0.59
N TYR A 232 -18.53 19.56 0.48
CA TYR A 232 -19.59 18.55 0.43
C TYR A 232 -19.98 18.10 1.82
N PHE A 233 -19.40 18.74 2.82
CA PHE A 233 -19.96 18.64 4.13
C PHE A 233 -21.36 19.22 3.97
N VAL A 234 -22.31 18.50 4.54
CA VAL A 234 -23.69 18.88 4.43
C VAL A 234 -24.29 18.85 5.84
N ASN A 235 -25.03 19.90 6.19
CA ASN A 235 -25.82 19.86 7.41
C ASN A 235 -27.28 19.75 7.02
N PRO A 236 -27.89 18.53 7.14
CA PRO A 236 -29.23 18.28 6.60
C PRO A 236 -30.35 18.97 7.37
N GLU A 240 -34.62 21.77 3.23
CA GLU A 240 -35.98 21.24 3.05
C GLU A 240 -35.99 19.82 2.50
N ASP A 241 -36.28 18.87 3.37
CA ASP A 241 -36.33 17.47 3.05
C ASP A 241 -37.53 17.13 2.13
N VAL A 242 -37.26 16.61 0.93
CA VAL A 242 -38.33 16.34 0.01
C VAL A 242 -38.37 14.88 -0.39
N THR A 243 -37.89 14.02 0.51
CA THR A 243 -37.84 12.57 0.26
C THR A 243 -39.19 12.04 -0.16
N ASN A 244 -40.23 12.44 0.57
CA ASN A 244 -41.56 11.92 0.34
C ASN A 244 -42.19 12.37 -0.98
N SER A 245 -41.68 13.48 -1.52
CA SER A 245 -42.18 14.06 -2.75
C SER A 245 -41.52 13.44 -3.99
N VAL A 246 -40.62 12.49 -3.77
CA VAL A 246 -39.93 11.85 -4.89
C VAL A 246 -40.12 10.34 -4.86
N ASN A 247 -39.89 9.70 -6.01
CA ASN A 247 -40.08 8.25 -6.17
C ASN A 247 -38.77 7.50 -6.32
N ILE A 248 -38.38 6.79 -5.28
CA ILE A 248 -37.10 6.10 -5.22
C ILE A 248 -37.33 4.63 -5.49
N THR A 249 -36.61 4.03 -6.44
CA THR A 249 -36.86 2.66 -6.82
C THR A 249 -35.54 1.90 -7.05
N PHE A 250 -35.64 0.57 -6.98
CA PHE A 250 -34.50 -0.30 -7.17
C PHE A 250 -34.73 -1.19 -8.38
N PRO A 251 -34.55 -0.61 -9.58
CA PRO A 251 -34.95 -1.16 -10.88
C PRO A 251 -34.04 -2.23 -11.47
N ASN A 252 -32.81 -2.31 -11.00
CA ASN A 252 -31.87 -3.28 -11.55
C ASN A 252 -30.93 -3.66 -10.48
N PRO A 253 -30.29 -4.83 -10.63
CA PRO A 253 -29.36 -5.28 -9.61
C PRO A 253 -28.36 -4.21 -9.26
N ASN A 254 -28.20 -3.94 -7.97
CA ASN A 254 -27.23 -2.92 -7.55
C ASN A 254 -27.38 -1.54 -8.22
N GLN A 255 -28.63 -1.10 -8.39
CA GLN A 255 -28.93 0.22 -8.95
C GLN A 255 -30.12 0.79 -8.23
N TYR A 256 -30.06 2.07 -7.90
CA TYR A 256 -31.20 2.81 -7.37
C TYR A 256 -31.58 3.90 -8.39
N LYS A 257 -32.83 4.37 -8.33
CA LYS A 257 -33.30 5.41 -9.25
C LYS A 257 -34.07 6.47 -8.47
N VAL A 258 -33.86 7.74 -8.78
CA VAL A 258 -34.63 8.77 -8.07
C VAL A 258 -35.42 9.57 -9.09
N GLU A 259 -36.75 9.57 -8.96
CA GLU A 259 -37.59 10.40 -9.81
C GLU A 259 -38.14 11.56 -9.01
N PHE A 260 -37.86 12.76 -9.52
CA PHE A 260 -38.12 14.00 -8.79
C PHE A 260 -39.56 14.47 -8.98
N PRO A 263 -44.35 18.39 -10.69
CA PRO A 263 -45.66 18.98 -10.96
C PRO A 263 -45.70 19.53 -12.36
N ASP A 264 -44.57 20.07 -12.83
CA ASP A 264 -44.41 20.45 -14.24
C ASP A 264 -43.34 19.61 -14.93
N ASP A 265 -42.79 18.61 -14.23
CA ASP A 265 -41.80 17.69 -14.82
C ASP A 265 -40.45 18.40 -15.03
N GLN A 266 -40.24 19.50 -14.31
CA GLN A 266 -38.95 20.21 -14.35
C GLN A 266 -38.38 20.49 -12.97
N ILE A 267 -37.07 20.66 -12.91
CA ILE A 267 -36.44 21.23 -11.73
C ILE A 267 -35.62 22.45 -12.16
N THR A 268 -35.52 23.42 -11.25
CA THR A 268 -34.79 24.67 -11.52
C THR A 268 -33.84 25.02 -10.37
N THR A 269 -33.71 24.10 -9.41
CA THR A 269 -32.79 24.31 -8.31
C THR A 269 -31.89 23.08 -8.07
N PRO A 270 -30.81 23.27 -7.30
CA PRO A 270 -30.04 22.07 -6.94
C PRO A 270 -30.85 21.17 -6.00
N TYR A 271 -30.40 19.92 -5.90
CA TYR A 271 -30.95 19.01 -4.91
C TYR A 271 -29.78 18.32 -4.19
N ILE A 272 -29.90 18.11 -2.88
CA ILE A 272 -28.92 17.23 -2.20
C ILE A 272 -29.46 15.81 -2.05
N VAL A 273 -28.73 14.81 -2.55
CA VAL A 273 -29.11 13.40 -2.42
C VAL A 273 -28.11 12.71 -1.50
N VAL A 274 -28.56 12.29 -0.33
CA VAL A 274 -27.71 11.64 0.66
C VAL A 274 -28.09 10.18 0.72
N VAL A 275 -27.12 9.31 0.49
CA VAL A 275 -27.34 7.89 0.37
C VAL A 275 -26.63 7.24 1.54
N ASN A 276 -27.37 6.54 2.39
CA ASN A 276 -26.75 5.74 3.45
C ASN A 276 -26.79 4.27 3.06
N GLY A 277 -25.65 3.69 2.67
CA GLY A 277 -25.64 2.35 2.08
C GLY A 277 -24.83 1.29 2.81
N HIS A 278 -24.65 0.10 2.21
CA HIS A 278 -23.77 -0.89 2.79
C HIS A 278 -22.73 -1.35 1.79
N ILE A 279 -21.65 -1.93 2.29
CA ILE A 279 -20.67 -2.59 1.44
C ILE A 279 -20.54 -4.06 1.76
N ASP A 280 -19.93 -4.77 0.80
CA ASP A 280 -19.80 -6.21 0.81
C ASP A 280 -18.35 -6.61 1.18
N PRO A 281 -18.15 -7.20 2.39
CA PRO A 281 -16.75 -7.32 2.81
C PRO A 281 -16.06 -8.50 2.18
N ASN A 282 -16.82 -9.25 1.38
CA ASN A 282 -16.34 -10.44 0.74
C ASN A 282 -16.10 -10.08 -0.69
N SER A 283 -16.48 -8.88 -1.07
CA SER A 283 -16.21 -8.41 -2.42
C SER A 283 -14.70 -8.20 -2.61
N LYS A 284 -14.27 -8.37 -3.85
CA LYS A 284 -12.87 -8.34 -4.13
C LYS A 284 -12.36 -6.96 -4.48
N GLY A 285 -13.26 -6.00 -4.65
CA GLY A 285 -12.83 -4.61 -4.94
C GLY A 285 -13.13 -3.63 -3.82
N ASP A 286 -13.18 -2.34 -4.14
CA ASP A 286 -13.39 -1.31 -3.11
C ASP A 286 -14.72 -0.64 -3.33
N LEU A 287 -15.01 0.41 -2.59
CA LEU A 287 -16.20 1.22 -2.88
C LEU A 287 -15.91 2.02 -4.17
N ALA A 288 -16.57 1.66 -5.27
CA ALA A 288 -16.44 2.37 -6.54
C ALA A 288 -17.79 2.56 -7.15
N LEU A 289 -18.16 3.83 -7.29
CA LEU A 289 -19.55 4.16 -7.58
C LEU A 289 -19.73 5.04 -8.84
N ARG A 290 -20.85 4.88 -9.56
CA ARG A 290 -21.19 5.82 -10.61
C ARG A 290 -22.59 6.41 -10.41
N SER A 291 -22.77 7.73 -10.51
CA SER A 291 -24.14 8.25 -10.42
C SER A 291 -24.39 8.96 -11.70
N THR A 292 -25.61 8.78 -12.23
CA THR A 292 -25.95 9.43 -13.50
C THR A 292 -27.18 10.31 -13.47
N LEU A 293 -27.06 11.49 -14.07
CA LEU A 293 -28.19 12.38 -14.18
C LEU A 293 -28.68 12.39 -15.60
N TYR A 294 -29.97 12.14 -15.78
CA TYR A 294 -30.58 12.14 -17.09
C TYR A 294 -31.53 13.31 -17.12
N GLY A 295 -31.74 13.90 -18.29
CA GLY A 295 -32.61 15.09 -18.36
C GLY A 295 -32.73 15.61 -19.78
N TYR A 296 -33.79 16.37 -20.05
CA TYR A 296 -33.88 17.09 -21.33
C TYR A 296 -33.54 18.53 -21.13
N ASN A 297 -32.99 19.15 -22.18
CA ASN A 297 -32.95 20.60 -22.30
C ASN A 297 -34.20 21.23 -22.96
N SER A 298 -34.17 22.54 -23.15
CA SER A 298 -35.31 23.29 -23.68
C SER A 298 -35.65 22.90 -25.11
N ASN A 299 -34.68 22.28 -25.79
CA ASN A 299 -34.84 21.77 -27.13
C ASN A 299 -35.41 20.35 -27.09
N ILE A 300 -35.73 19.87 -25.89
CA ILE A 300 -36.21 18.50 -25.71
C ILE A 300 -35.23 17.48 -26.33
N ILE A 301 -33.95 17.63 -26.00
CA ILE A 301 -32.96 16.58 -26.30
C ILE A 301 -32.65 15.84 -25.00
N TRP A 302 -32.47 14.52 -25.08
CA TRP A 302 -32.24 13.68 -23.91
C TRP A 302 -30.76 13.52 -23.76
N ARG A 303 -30.23 13.87 -22.60
CA ARG A 303 -28.83 13.58 -22.35
C ARG A 303 -28.56 12.99 -20.96
N SER A 304 -27.32 12.56 -20.75
CA SER A 304 -26.90 12.10 -19.42
C SER A 304 -25.54 12.67 -18.99
N MET A 305 -25.35 12.87 -17.68
CA MET A 305 -24.03 13.26 -17.14
C MET A 305 -23.69 12.27 -16.01
N SER A 306 -22.55 11.57 -16.11
CA SER A 306 -22.11 10.66 -15.07
C SER A 306 -20.94 11.14 -14.18
N TRP A 307 -20.99 10.75 -12.90
CA TRP A 307 -19.95 11.09 -11.92
C TRP A 307 -19.46 9.88 -11.17
N ASP A 308 -18.20 9.53 -11.35
CA ASP A 308 -17.62 8.41 -10.60
C ASP A 308 -17.10 8.83 -9.24
N ASN A 309 -17.25 7.93 -8.26
CA ASN A 309 -16.72 8.14 -6.93
C ASN A 309 -15.83 6.96 -6.55
N GLU A 310 -14.56 7.24 -6.29
CA GLU A 310 -13.65 6.20 -5.86
C GLU A 310 -12.88 6.61 -4.58
N VAL A 311 -12.13 5.66 -4.04
CA VAL A 311 -11.38 5.86 -2.80
C VAL A 311 -10.02 5.22 -2.84
N ALA A 312 -9.16 5.72 -1.95
CA ALA A 312 -7.79 5.25 -1.82
C ALA A 312 -7.44 5.24 -0.35
N PHE A 313 -6.92 4.13 0.17
CA PHE A 313 -6.57 4.09 1.61
C PHE A 313 -5.08 4.17 1.87
N ASN A 314 -4.72 4.74 3.00
CA ASN A 314 -3.35 5.09 3.27
C ASN A 314 -3.04 4.78 4.70
N ASN A 315 -1.78 4.47 4.98
CA ASN A 315 -1.41 4.21 6.37
C ASN A 315 -0.14 4.89 6.75
N GLY A 316 0.01 5.08 8.05
CA GLY A 316 1.19 5.68 8.58
C GLY A 316 2.01 4.59 9.19
N SER A 317 3.11 4.97 9.80
CA SER A 317 3.97 3.95 10.30
C SER A 317 4.85 4.63 11.28
N GLY A 318 5.43 3.84 12.16
CA GLY A 318 6.33 4.38 13.15
C GLY A 318 7.30 3.34 13.60
N SER A 319 8.51 3.78 13.89
CA SER A 319 9.52 2.86 14.39
C SER A 319 10.45 3.54 15.35
N GLY A 320 11.02 2.76 16.26
CA GLY A 320 12.01 3.26 17.21
C GLY A 320 13.17 2.30 17.34
N ASP A 321 14.19 2.70 18.08
CA ASP A 321 15.32 1.84 18.40
C ASP A 321 15.89 2.27 19.76
N GLY A 322 16.43 1.34 20.52
CA GLY A 322 17.12 1.67 21.76
C GLY A 322 18.28 0.73 21.90
N ILE A 323 19.15 0.97 22.88
CA ILE A 323 20.24 0.07 23.22
C ILE A 323 20.05 -0.36 24.66
N ASP A 324 20.68 -1.46 25.05
CA ASP A 324 20.68 -1.90 26.45
C ASP A 324 21.27 -0.83 27.32
N CYS A 325 20.55 -0.45 28.36
CA CYS A 325 21.11 0.44 29.33
C CYS A 325 22.35 -0.20 29.96
N PRO A 326 23.37 0.62 30.30
CA PRO A 326 24.55 0.18 31.01
C PRO A 326 24.23 -0.81 32.14
N VAL A 327 25.14 -1.75 32.38
CA VAL A 327 25.11 -2.55 33.59
C VAL A 327 26.47 -2.34 34.23
N VAL A 328 26.47 -1.90 35.48
CA VAL A 328 27.71 -1.78 36.24
C VAL A 328 28.39 -3.17 36.35
N PRO A 329 29.69 -3.24 36.02
CA PRO A 329 30.53 -4.43 35.83
C PRO A 329 31.09 -5.09 37.10
N THR B 14 -4.76 -10.38 -33.23
CA THR B 14 -3.87 -9.19 -33.23
C THR B 14 -4.00 -8.43 -31.91
N ASP B 15 -3.22 -7.38 -31.75
CA ASP B 15 -3.29 -6.57 -30.54
C ASP B 15 -4.54 -5.71 -30.38
N ILE B 16 -5.43 -6.09 -29.46
CA ILE B 16 -6.66 -5.32 -29.28
C ILE B 16 -6.66 -4.56 -27.97
N THR B 17 -5.49 -4.39 -27.39
CA THR B 17 -5.30 -3.48 -26.30
C THR B 17 -6.15 -2.21 -26.42
N ASN B 18 -6.03 -1.52 -27.54
CA ASN B 18 -6.72 -0.22 -27.66
C ASN B 18 -8.20 -0.28 -27.97
N GLN B 19 -8.74 -1.49 -28.07
CA GLN B 19 -10.14 -1.65 -28.31
C GLN B 19 -10.90 -2.02 -27.03
N LEU B 20 -10.18 -2.28 -25.95
CA LEU B 20 -10.81 -2.69 -24.68
C LEU B 20 -11.60 -1.48 -24.22
N THR B 21 -12.73 -1.69 -23.54
CA THR B 21 -13.53 -0.54 -23.10
C THR B 21 -13.77 -0.63 -21.60
N ASN B 22 -14.22 0.48 -21.01
CA ASN B 22 -14.38 0.60 -19.57
C ASN B 22 -13.20 -0.01 -18.85
N VAL B 23 -12.00 0.47 -19.16
CA VAL B 23 -10.77 -0.03 -18.56
C VAL B 23 -10.57 0.65 -17.19
N THR B 24 -10.05 -0.11 -16.24
CA THR B 24 -9.82 0.40 -14.90
C THR B 24 -8.53 -0.26 -14.47
N VAL B 25 -7.78 0.47 -13.66
CA VAL B 25 -6.49 0.07 -13.25
C VAL B 25 -6.25 0.67 -11.92
N GLY B 26 -5.70 -0.12 -11.02
CA GLY B 26 -5.45 0.38 -9.69
C GLY B 26 -4.24 -0.25 -9.07
N ILE B 27 -3.77 0.40 -8.01
CA ILE B 27 -2.65 -0.13 -7.27
C ILE B 27 -2.97 -0.17 -5.80
N ASP B 28 -2.91 -1.37 -5.21
CA ASP B 28 -3.18 -1.52 -3.78
C ASP B 28 -1.94 -1.88 -2.95
N SER B 29 -1.52 -0.95 -2.08
CA SER B 29 -0.39 -1.16 -1.13
C SER B 29 -0.43 -0.27 0.10
N GLY B 30 0.53 -0.50 0.99
CA GLY B 30 0.78 0.34 2.13
C GLY B 30 1.51 1.57 1.63
N THR B 31 1.33 2.70 2.30
CA THR B 31 1.99 3.95 1.88
C THR B 31 3.49 3.86 2.11
N THR B 32 3.91 2.87 2.92
CA THR B 32 5.32 2.48 2.98
C THR B 32 5.30 1.01 2.64
N VAL B 33 6.15 0.61 1.71
CA VAL B 33 6.32 -0.81 1.40
C VAL B 33 7.62 -1.23 2.08
N TYR B 34 7.53 -2.24 2.96
CA TYR B 34 8.67 -2.89 3.58
C TYR B 34 8.99 -4.17 2.82
N PRO B 35 9.85 -4.07 1.80
CA PRO B 35 10.21 -5.26 1.00
C PRO B 35 10.90 -6.39 1.82
N HIS B 36 11.60 -6.01 2.90
CA HIS B 36 12.22 -6.98 3.77
C HIS B 36 11.37 -7.41 4.93
N GLN B 37 10.13 -6.98 4.92
CA GLN B 37 9.19 -7.51 5.87
C GLN B 37 8.00 -8.07 5.14
N ALA B 38 8.26 -8.65 3.96
CA ALA B 38 7.20 -9.32 3.22
C ALA B 38 6.15 -8.40 2.59
N GLY B 39 6.43 -7.10 2.54
CA GLY B 39 5.46 -6.21 1.89
C GLY B 39 5.57 -6.37 0.39
N TYR B 40 4.48 -6.24 -0.34
CA TYR B 40 4.46 -6.33 -1.82
C TYR B 40 3.33 -5.41 -2.29
N VAL B 41 3.01 -5.40 -3.58
CA VAL B 41 1.96 -4.54 -4.12
C VAL B 41 0.92 -5.36 -4.92
N LYS B 42 -0.35 -4.99 -4.88
CA LYS B 42 -1.31 -5.63 -5.79
C LYS B 42 -1.57 -4.72 -6.98
N LEU B 43 -1.37 -5.26 -8.17
CA LEU B 43 -1.81 -4.52 -9.35
C LEU B 43 -3.21 -5.02 -9.76
N ASN B 44 -4.14 -4.09 -10.01
CA ASN B 44 -5.55 -4.41 -10.30
C ASN B 44 -6.01 -3.85 -11.61
N TYR B 45 -6.75 -4.68 -12.35
CA TYR B 45 -7.27 -4.29 -13.65
C TYR B 45 -8.69 -4.76 -13.82
N GLY B 46 -9.43 -3.98 -14.59
CA GLY B 46 -10.69 -4.38 -15.21
C GLY B 46 -10.85 -3.86 -16.64
N PHE B 47 -11.53 -4.63 -17.48
CA PHE B 47 -11.85 -4.21 -18.84
C PHE B 47 -12.99 -5.01 -19.53
N SER B 48 -13.60 -4.36 -20.52
CA SER B 48 -14.57 -4.99 -21.37
C SER B 48 -13.88 -5.34 -22.65
N VAL B 49 -14.13 -6.55 -23.12
CA VAL B 49 -13.53 -7.03 -24.31
C VAL B 49 -14.50 -6.88 -25.51
N PRO B 50 -13.98 -6.50 -26.70
CA PRO B 50 -14.95 -6.30 -27.77
C PRO B 50 -15.53 -7.58 -28.39
N ASN B 51 -16.77 -7.49 -28.86
CA ASN B 51 -17.43 -8.70 -29.31
C ASN B 51 -16.64 -9.26 -30.46
N SER B 52 -15.88 -8.37 -31.08
CA SER B 52 -15.10 -8.66 -32.27
C SER B 52 -13.86 -9.50 -31.95
N ALA B 53 -13.58 -9.68 -30.66
CA ALA B 53 -12.40 -10.43 -30.22
C ALA B 53 -12.44 -11.89 -30.66
N VAL B 54 -11.28 -12.43 -31.00
CA VAL B 54 -11.18 -13.85 -31.36
C VAL B 54 -9.99 -14.51 -30.68
N LYS B 55 -9.78 -15.78 -31.02
CA LYS B 55 -8.75 -16.62 -30.44
C LYS B 55 -7.42 -16.18 -30.96
N GLY B 56 -6.52 -15.92 -30.04
CA GLY B 56 -5.21 -15.46 -30.40
C GLY B 56 -5.10 -13.95 -30.37
N ASP B 57 -6.19 -13.26 -30.10
CA ASP B 57 -6.11 -11.82 -29.98
C ASP B 57 -5.39 -11.55 -28.66
N THR B 58 -4.83 -10.36 -28.51
CA THR B 58 -4.02 -10.09 -27.36
C THR B 58 -4.30 -8.71 -26.81
N PHE B 59 -3.75 -8.46 -25.61
CA PHE B 59 -3.74 -7.14 -25.04
C PHE B 59 -2.54 -7.08 -24.14
N LYS B 60 -2.15 -5.88 -23.75
CA LYS B 60 -0.92 -5.69 -23.01
C LYS B 60 -1.07 -4.91 -21.73
N ILE B 61 -0.49 -5.48 -20.67
CA ILE B 61 -0.27 -4.73 -19.46
C ILE B 61 1.14 -4.19 -19.33
N THR B 62 1.21 -2.90 -19.05
CA THR B 62 2.47 -2.20 -18.82
C THR B 62 2.89 -2.31 -17.37
N VAL B 63 3.97 -3.02 -17.12
CA VAL B 63 4.55 -3.16 -15.79
C VAL B 63 5.84 -2.34 -15.67
N PRO B 64 5.92 -1.48 -14.63
CA PRO B 64 7.08 -0.59 -14.43
C PRO B 64 8.36 -1.31 -14.06
N LYS B 65 9.47 -0.61 -14.21
CA LYS B 65 10.73 -1.26 -13.99
C LYS B 65 11.08 -1.24 -12.49
N GLU B 66 10.41 -0.42 -11.69
CA GLU B 66 10.66 -0.48 -10.23
C GLU B 66 10.04 -1.73 -9.57
N LEU B 67 9.36 -2.52 -10.38
CA LEU B 67 8.54 -3.66 -9.92
C LEU B 67 8.90 -4.94 -10.69
N ASN B 68 8.85 -6.08 -10.03
CA ASN B 68 8.80 -7.33 -10.78
C ASN B 68 7.64 -8.18 -10.33
N LEU B 69 7.42 -9.29 -11.01
CA LEU B 69 6.29 -10.14 -10.68
C LEU B 69 6.70 -11.42 -9.98
N ASN B 70 8.00 -11.61 -9.70
CA ASN B 70 8.44 -12.83 -9.07
C ASN B 70 8.94 -12.70 -7.66
N GLY B 71 9.44 -11.52 -7.32
CA GLY B 71 9.91 -11.19 -5.98
C GLY B 71 11.04 -12.11 -5.56
N VAL B 72 10.92 -12.73 -4.39
CA VAL B 72 11.94 -13.72 -3.94
C VAL B 72 12.06 -14.99 -4.78
N THR B 73 11.00 -15.33 -5.51
CA THR B 73 11.03 -16.50 -6.40
C THR B 73 11.75 -16.11 -7.69
N SER B 74 12.39 -17.09 -8.30
CA SER B 74 13.16 -16.96 -9.55
C SER B 74 12.33 -16.70 -10.80
N THR B 75 11.10 -17.21 -10.84
CA THR B 75 10.16 -16.78 -11.85
C THR B 75 8.76 -16.79 -11.33
N ALA B 76 7.84 -16.46 -12.24
CA ALA B 76 6.43 -16.27 -11.94
C ALA B 76 5.63 -16.60 -13.17
N LYS B 77 4.42 -17.11 -12.94
CA LYS B 77 3.42 -17.23 -13.97
C LYS B 77 2.43 -16.11 -13.72
N VAL B 78 1.87 -15.54 -14.78
CA VAL B 78 0.64 -14.75 -14.53
C VAL B 78 -0.62 -15.60 -14.46
N PRO B 79 -1.61 -15.10 -13.74
CA PRO B 79 -2.88 -15.78 -13.43
C PRO B 79 -3.77 -15.90 -14.65
N PRO B 80 -4.35 -17.09 -14.89
CA PRO B 80 -5.26 -17.22 -16.00
C PRO B 80 -6.56 -16.51 -15.66
N ILE B 81 -7.15 -15.83 -16.63
CA ILE B 81 -8.50 -15.26 -16.47
C ILE B 81 -9.51 -16.37 -16.75
N MET B 82 -10.23 -16.77 -15.70
CA MET B 82 -11.23 -17.86 -15.80
C MET B 82 -12.65 -17.30 -15.86
N ALA B 83 -13.45 -17.90 -16.73
CA ALA B 83 -14.85 -17.67 -16.77
C ALA B 83 -15.34 -19.02 -16.26
N GLY B 84 -15.64 -19.07 -14.96
CA GLY B 84 -15.89 -20.35 -14.29
C GLY B 84 -14.72 -21.30 -14.46
N ASP B 85 -15.01 -22.53 -14.90
CA ASP B 85 -13.98 -23.56 -15.09
C ASP B 85 -13.31 -23.42 -16.46
N GLN B 86 -13.85 -22.52 -17.28
CA GLN B 86 -13.29 -22.20 -18.60
C GLN B 86 -12.28 -21.04 -18.57
N VAL B 87 -11.19 -21.19 -19.32
CA VAL B 87 -10.15 -20.19 -19.46
C VAL B 87 -10.42 -19.16 -20.54
N LEU B 88 -10.75 -17.95 -20.12
CA LEU B 88 -10.89 -16.79 -20.98
C LEU B 88 -9.55 -16.29 -21.60
N ALA B 89 -8.45 -16.36 -20.84
CA ALA B 89 -7.19 -15.81 -21.34
C ALA B 89 -5.97 -16.31 -20.61
N ASN B 90 -4.93 -16.66 -21.37
CA ASN B 90 -3.69 -17.16 -20.81
C ASN B 90 -2.65 -16.08 -20.91
N GLY B 91 -1.85 -15.87 -19.86
CA GLY B 91 -0.99 -14.71 -19.79
C GLY B 91 0.48 -15.09 -19.77
N VAL B 92 1.35 -14.12 -20.02
CA VAL B 92 2.81 -14.38 -20.11
C VAL B 92 3.68 -13.11 -19.95
N ILE B 93 4.85 -13.22 -19.31
CA ILE B 93 5.74 -12.03 -19.14
C ILE B 93 6.89 -11.93 -20.17
N ASP B 94 6.97 -10.83 -20.92
CA ASP B 94 7.91 -10.72 -22.04
C ASP B 94 9.18 -10.13 -21.53
N SER B 95 10.19 -10.03 -22.39
CA SER B 95 11.51 -9.59 -21.99
C SER B 95 11.53 -8.16 -21.48
N ASP B 96 10.43 -7.45 -21.64
CA ASP B 96 10.35 -6.06 -21.15
C ASP B 96 9.82 -5.99 -19.72
N GLY B 97 9.34 -7.12 -19.23
CA GLY B 97 8.70 -7.17 -17.90
C GLY B 97 7.21 -6.86 -17.94
N ASN B 98 6.71 -6.60 -19.15
CA ASN B 98 5.30 -6.43 -19.46
C ASN B 98 4.58 -7.78 -19.66
N VAL B 99 3.25 -7.78 -19.45
CA VAL B 99 2.48 -9.02 -19.55
C VAL B 99 1.57 -9.02 -20.79
N ILE B 100 1.70 -10.04 -21.63
CA ILE B 100 0.80 -10.20 -22.77
C ILE B 100 -0.19 -11.34 -22.49
N TYR B 101 -1.47 -11.01 -22.37
CA TYR B 101 -2.56 -12.00 -22.30
C TYR B 101 -3.08 -12.33 -23.70
N THR B 102 -3.35 -13.62 -23.94
CA THR B 102 -3.88 -14.09 -25.24
C THR B 102 -5.22 -14.76 -25.01
N PHE B 103 -6.26 -14.18 -25.59
CA PHE B 103 -7.60 -14.76 -25.59
C PHE B 103 -7.68 -16.14 -26.22
N THR B 104 -8.48 -16.98 -25.56
CA THR B 104 -8.76 -18.33 -25.98
C THR B 104 -9.97 -18.26 -26.94
N ASP B 105 -10.43 -19.42 -27.40
CA ASP B 105 -11.53 -19.47 -28.35
C ASP B 105 -12.85 -19.24 -27.61
N TYR B 106 -12.78 -19.14 -26.30
CA TYR B 106 -13.92 -18.66 -25.46
C TYR B 106 -14.60 -17.39 -25.99
N VAL B 107 -13.83 -16.44 -26.49
CA VAL B 107 -14.40 -15.19 -27.03
C VAL B 107 -15.00 -15.30 -28.41
N ASN B 108 -14.78 -16.43 -29.06
CA ASN B 108 -15.33 -16.63 -30.39
C ASN B 108 -16.83 -16.64 -30.33
N THR B 109 -17.38 -17.22 -29.28
CA THR B 109 -18.81 -17.29 -29.27
C THR B 109 -19.39 -16.70 -28.05
N LYS B 110 -18.64 -15.83 -27.37
CA LYS B 110 -19.23 -15.10 -26.27
C LYS B 110 -19.27 -13.63 -26.58
N CYS B 111 -20.25 -12.95 -26.03
CA CYS B 111 -20.39 -11.51 -26.26
C CYS B 111 -20.47 -10.85 -24.92
N ASP B 112 -20.30 -9.53 -24.93
CA ASP B 112 -20.31 -8.73 -23.73
C ASP B 112 -19.39 -9.31 -22.67
N VAL B 113 -18.19 -9.65 -23.12
CA VAL B 113 -17.19 -10.22 -22.27
C VAL B 113 -16.41 -9.15 -21.49
N LYS B 114 -16.17 -9.45 -20.24
CA LYS B 114 -15.40 -8.57 -19.38
C LYS B 114 -14.65 -9.35 -18.32
N ALA B 115 -13.67 -8.68 -17.72
CA ALA B 115 -12.77 -9.37 -16.88
C ALA B 115 -12.26 -8.46 -15.86
N THR B 116 -11.82 -9.06 -14.76
CA THR B 116 -10.98 -8.40 -13.82
C THR B 116 -9.79 -9.29 -13.48
N LEU B 117 -8.75 -8.66 -12.98
CA LEU B 117 -7.52 -9.39 -12.75
C LEU B 117 -6.78 -8.71 -11.63
N THR B 118 -6.20 -9.53 -10.74
CA THR B 118 -5.22 -9.01 -9.76
C THR B 118 -3.91 -9.81 -9.76
N MET B 119 -2.78 -9.12 -9.71
CA MET B 119 -1.49 -9.84 -9.63
C MET B 119 -0.53 -9.12 -8.74
N PRO B 120 0.09 -9.87 -7.81
CA PRO B 120 1.09 -9.40 -6.86
C PRO B 120 2.28 -8.82 -7.63
N ALA B 121 2.91 -7.76 -7.14
CA ALA B 121 4.17 -7.37 -7.78
C ALA B 121 5.12 -6.96 -6.68
N TYR B 122 6.41 -6.98 -6.97
CA TYR B 122 7.38 -6.78 -5.94
C TYR B 122 8.33 -5.69 -6.30
N ILE B 123 8.68 -4.89 -5.31
CA ILE B 123 9.75 -3.91 -5.49
C ILE B 123 11.02 -4.61 -6.01
N ASP B 124 11.53 -4.19 -7.16
CA ASP B 124 12.71 -4.87 -7.78
C ASP B 124 14.04 -4.33 -7.20
N PRO B 125 14.86 -5.23 -6.61
CA PRO B 125 16.02 -4.93 -5.77
C PRO B 125 17.09 -4.22 -6.55
N GLU B 126 17.19 -4.49 -7.85
CA GLU B 126 18.19 -3.81 -8.62
C GLU B 126 17.82 -2.46 -9.17
N ASN B 127 16.55 -2.21 -9.45
CA ASN B 127 16.20 -0.85 -9.91
C ASN B 127 15.85 0.03 -8.73
N VAL B 128 15.48 -0.61 -7.62
CA VAL B 128 15.37 0.13 -6.35
C VAL B 128 16.37 -0.32 -5.30
N LYS B 129 17.59 0.21 -5.35
CA LYS B 129 18.61 -0.16 -4.39
C LYS B 129 18.60 0.54 -3.05
N LYS B 130 17.98 1.72 -2.93
CA LYS B 130 17.99 2.38 -1.66
C LYS B 130 16.59 2.70 -1.21
N THR B 131 16.43 2.83 0.10
CA THR B 131 15.24 3.34 0.74
C THR B 131 14.91 4.76 0.28
N GLY B 132 13.65 5.02 -0.02
CA GLY B 132 13.28 6.27 -0.64
C GLY B 132 11.97 6.17 -1.39
N ASN B 133 11.51 7.32 -1.88
CA ASN B 133 10.22 7.41 -2.52
C ASN B 133 10.21 6.84 -3.91
N VAL B 134 9.21 6.04 -4.21
CA VAL B 134 9.09 5.44 -5.52
C VAL B 134 7.70 5.69 -6.09
N THR B 135 7.64 6.23 -7.30
CA THR B 135 6.37 6.45 -7.98
C THR B 135 6.12 5.23 -8.85
N LEU B 136 5.07 4.49 -8.50
CA LEU B 136 4.73 3.28 -9.28
C LEU B 136 3.55 3.57 -10.20
N ALA B 137 3.63 3.05 -11.41
CA ALA B 137 2.66 3.26 -12.48
C ALA B 137 2.49 1.98 -13.26
N THR B 138 1.23 1.60 -13.47
CA THR B 138 0.91 0.44 -14.34
C THR B 138 -0.32 0.76 -15.17
N GLY B 139 -0.55 0.02 -16.23
CA GLY B 139 -1.74 0.30 -16.97
C GLY B 139 -2.06 -0.69 -18.03
N ILE B 140 -3.17 -0.45 -18.70
CA ILE B 140 -3.51 -1.16 -19.91
C ILE B 140 -3.72 -0.13 -21.01
N GLY B 141 -2.81 -0.07 -21.97
CA GLY B 141 -2.94 0.96 -23.01
C GLY B 141 -2.85 2.34 -22.35
N SER B 142 -3.80 3.20 -22.67
CA SER B 142 -3.73 4.56 -22.21
C SER B 142 -4.30 4.74 -20.82
N THR B 143 -5.04 3.75 -20.32
CA THR B 143 -5.58 3.81 -18.96
C THR B 143 -4.50 3.34 -17.99
N THR B 144 -4.02 4.24 -17.14
CA THR B 144 -3.01 3.94 -16.15
C THR B 144 -3.47 4.36 -14.76
N ALA B 145 -2.76 3.87 -13.75
CA ALA B 145 -2.89 4.37 -12.39
C ALA B 145 -1.50 4.47 -11.86
N ASN B 146 -1.29 5.39 -10.92
CA ASN B 146 0.02 5.58 -10.35
C ASN B 146 -0.09 5.90 -8.89
N LYS B 147 0.91 5.52 -8.12
CA LYS B 147 0.96 5.68 -6.68
C LYS B 147 2.44 5.92 -6.34
N THR B 148 2.73 6.96 -5.56
CA THR B 148 4.09 7.17 -5.05
C THR B 148 4.14 6.62 -3.63
N VAL B 149 5.12 5.77 -3.33
CA VAL B 149 5.20 5.18 -2.00
C VAL B 149 6.61 5.28 -1.45
N LEU B 150 6.76 5.04 -0.16
CA LEU B 150 8.07 4.82 0.42
C LEU B 150 8.48 3.35 0.41
N VAL B 151 9.60 3.08 -0.25
CA VAL B 151 10.27 1.79 -0.11
C VAL B 151 11.25 1.94 1.05
N ASP B 152 10.97 1.28 2.16
CA ASP B 152 11.83 1.33 3.33
C ASP B 152 12.37 -0.10 3.52
N TYR B 153 13.64 -0.33 3.15
CA TYR B 153 14.30 -1.60 3.42
C TYR B 153 14.88 -1.63 4.82
N GLU B 154 14.78 -0.51 5.53
CA GLU B 154 15.20 -0.48 6.95
C GLU B 154 16.68 -0.71 7.19
N LYS B 155 17.01 -1.29 8.35
CA LYS B 155 18.43 -1.48 8.67
C LYS B 155 18.86 -2.90 9.01
N TYR B 156 20.17 -3.05 9.13
CA TYR B 156 20.73 -4.29 9.57
C TYR B 156 20.59 -4.41 11.07
N GLY B 157 20.67 -5.63 11.56
CA GLY B 157 20.72 -5.89 13.00
C GLY B 157 22.07 -5.55 13.62
N LYS B 158 22.03 -5.17 14.88
CA LYS B 158 23.26 -4.83 15.58
C LYS B 158 23.10 -4.97 17.08
N PHE B 159 24.13 -5.59 17.68
CA PHE B 159 24.24 -5.90 19.11
C PHE B 159 25.72 -5.71 19.44
N TYR B 160 25.98 -4.69 20.24
CA TYR B 160 27.33 -4.21 20.52
C TYR B 160 28.10 -3.94 19.22
N ASN B 161 29.24 -4.59 19.07
CA ASN B 161 30.10 -4.40 17.91
C ASN B 161 29.79 -5.35 16.75
N LEU B 162 28.62 -6.01 16.81
CA LEU B 162 28.29 -7.10 15.90
C LEU B 162 27.04 -6.80 15.08
N SER B 163 27.23 -6.53 13.79
CA SER B 163 26.11 -6.25 12.89
C SER B 163 26.01 -7.34 11.82
N ILE B 164 24.80 -7.53 11.29
CA ILE B 164 24.50 -8.57 10.32
C ILE B 164 23.11 -8.29 9.78
N LYS B 165 22.91 -8.62 8.51
CA LYS B 165 21.60 -8.67 7.91
C LYS B 165 21.71 -9.43 6.60
N GLY B 166 20.67 -10.16 6.23
CA GLY B 166 20.79 -11.04 5.08
C GLY B 166 19.47 -11.07 4.39
N THR B 167 19.51 -11.25 3.08
CA THR B 167 18.29 -11.40 2.30
C THR B 167 18.39 -12.66 1.48
N ILE B 168 17.27 -13.08 0.96
CA ILE B 168 17.29 -14.19 -0.03
C ILE B 168 17.08 -13.62 -1.41
N ASP B 169 17.90 -14.05 -2.37
CA ASP B 169 17.94 -13.42 -3.71
C ASP B 169 16.91 -13.99 -4.63
N GLN B 170 16.65 -15.27 -4.44
CA GLN B 170 16.09 -16.09 -5.46
C GLN B 170 15.89 -17.44 -4.83
N ILE B 171 14.71 -17.98 -5.07
CA ILE B 171 14.49 -19.37 -4.86
C ILE B 171 13.92 -19.97 -6.14
N ASP B 172 14.63 -20.98 -6.65
CA ASP B 172 14.25 -21.62 -7.89
C ASP B 172 13.60 -22.94 -7.59
N LYS B 173 12.29 -22.95 -7.60
CA LYS B 173 11.53 -24.04 -7.06
C LYS B 173 11.56 -25.21 -8.03
N THR B 174 11.93 -24.90 -9.27
CA THR B 174 12.11 -25.87 -10.34
C THR B 174 13.44 -26.65 -10.21
N ASN B 175 14.55 -25.94 -10.02
CA ASN B 175 15.86 -26.54 -9.87
C ASN B 175 16.25 -26.83 -8.42
N ASN B 176 15.38 -26.45 -7.47
CA ASN B 176 15.59 -26.70 -6.07
C ASN B 176 16.77 -25.95 -5.48
N THR B 177 16.89 -24.67 -5.74
CA THR B 177 18.08 -24.00 -5.29
C THR B 177 17.68 -22.67 -4.74
N TYR B 178 18.59 -22.01 -4.03
CA TYR B 178 18.34 -20.66 -3.51
C TYR B 178 19.66 -19.93 -3.39
N ARG B 179 19.64 -18.60 -3.40
CA ARG B 179 20.81 -17.82 -3.11
C ARG B 179 20.41 -16.94 -1.98
N GLN B 180 21.27 -16.87 -0.97
CA GLN B 180 21.23 -15.90 0.13
C GLN B 180 22.39 -14.91 0.10
N THR B 181 22.11 -13.68 0.50
CA THR B 181 23.10 -12.62 0.50
C THR B 181 23.30 -12.06 1.92
N ILE B 182 24.51 -12.18 2.47
CA ILE B 182 24.69 -11.74 3.84
C ILE B 182 25.80 -10.70 3.95
N TYR B 183 25.47 -9.60 4.61
CA TYR B 183 26.43 -8.53 4.87
C TYR B 183 26.96 -8.83 6.24
N VAL B 184 28.22 -9.22 6.29
CA VAL B 184 28.85 -9.37 7.59
C VAL B 184 29.58 -8.10 7.93
N ASN B 185 29.29 -7.64 9.14
CA ASN B 185 29.83 -6.39 9.71
C ASN B 185 29.59 -5.18 8.83
N PRO B 186 28.33 -4.95 8.41
CA PRO B 186 28.09 -3.76 7.63
C PRO B 186 28.32 -2.48 8.44
N SER B 187 28.31 -2.56 9.78
CA SER B 187 28.64 -1.38 10.59
C SER B 187 30.11 -0.95 10.53
N GLY B 188 30.98 -1.77 9.96
CA GLY B 188 32.37 -1.37 9.89
C GLY B 188 33.00 -1.27 11.28
N ASP B 189 32.66 -2.22 12.14
CA ASP B 189 33.22 -2.31 13.48
C ASP B 189 34.49 -3.14 13.47
N ASN B 190 35.17 -3.13 14.60
CA ASN B 190 36.21 -4.10 14.86
C ASN B 190 35.61 -5.27 15.60
N VAL B 191 35.69 -6.42 14.98
CA VAL B 191 35.24 -7.65 15.62
C VAL B 191 36.48 -8.52 15.74
N ILE B 192 36.74 -9.02 16.95
CA ILE B 192 37.83 -9.93 17.20
C ILE B 192 37.35 -11.38 17.19
N ALA B 193 38.11 -12.25 16.53
CA ALA B 193 37.78 -13.66 16.38
C ALA B 193 36.36 -13.92 15.87
N PRO B 194 35.99 -13.25 14.77
CA PRO B 194 34.70 -13.20 14.09
C PRO B 194 34.38 -14.57 13.51
N VAL B 195 33.22 -15.12 13.86
CA VAL B 195 32.77 -16.38 13.27
C VAL B 195 31.33 -16.24 12.76
N LEU B 196 31.11 -16.57 11.49
CA LEU B 196 29.74 -16.72 11.00
C LEU B 196 29.32 -18.19 10.78
N THR B 197 28.19 -18.59 11.37
CA THR B 197 27.58 -19.90 11.05
C THR B 197 26.25 -19.70 10.29
N GLY B 198 25.87 -20.68 9.48
CA GLY B 198 24.56 -20.62 8.82
C GLY B 198 23.71 -21.82 9.15
N ASN B 199 22.48 -21.58 9.62
CA ASN B 199 21.64 -22.63 10.21
C ASN B 199 20.28 -22.66 9.53
N LEU B 200 19.48 -23.70 9.82
CA LEU B 200 18.04 -23.65 9.59
C LEU B 200 17.49 -22.77 10.74
N LYS B 201 16.39 -22.06 10.52
CA LYS B 201 15.73 -21.37 11.61
C LYS B 201 15.14 -22.50 12.42
N PRO B 202 15.35 -22.49 13.75
CA PRO B 202 14.78 -23.52 14.60
C PRO B 202 13.27 -23.55 14.58
N ASN B 203 12.73 -24.74 14.82
CA ASN B 203 11.31 -24.92 15.02
C ASN B 203 10.38 -24.36 13.92
N THR B 204 10.95 -24.05 12.76
CA THR B 204 10.13 -23.95 11.56
C THR B 204 10.44 -25.30 10.98
N ASP B 205 9.69 -25.76 9.98
CA ASP B 205 10.06 -27.03 9.38
C ASP B 205 10.86 -26.76 8.11
N SER B 206 11.99 -26.08 8.28
CA SER B 206 12.77 -25.54 7.16
C SER B 206 13.19 -26.54 6.09
N ASN B 207 13.08 -26.14 4.84
CA ASN B 207 13.41 -27.04 3.74
C ASN B 207 14.85 -26.93 3.22
N ALA B 208 15.68 -26.09 3.83
CA ALA B 208 17.02 -25.88 3.31
C ALA B 208 17.94 -27.09 3.57
N LEU B 209 18.86 -27.32 2.65
CA LEU B 209 19.81 -28.41 2.78
C LEU B 209 21.16 -27.75 2.79
N ILE B 210 21.89 -27.91 3.89
CA ILE B 210 23.17 -27.28 4.06
C ILE B 210 24.28 -28.24 4.38
N ASP B 211 25.14 -28.46 3.38
CA ASP B 211 26.20 -29.43 3.51
C ASP B 211 27.17 -29.24 2.34
N GLN B 212 28.23 -30.02 2.30
CA GLN B 212 29.35 -29.67 1.45
C GLN B 212 28.91 -29.87 0.02
N GLN B 213 27.81 -30.61 -0.14
CA GLN B 213 27.36 -31.08 -1.45
C GLN B 213 26.26 -30.22 -2.03
N ASN B 214 25.43 -29.65 -1.16
CA ASN B 214 24.27 -28.80 -1.53
C ASN B 214 24.64 -27.34 -1.43
N THR B 215 25.62 -27.02 -0.61
CA THR B 215 25.94 -25.66 -0.40
C THR B 215 27.27 -25.22 -0.96
N SER B 216 27.26 -24.08 -1.67
CA SER B 216 28.47 -23.37 -2.06
C SER B 216 28.48 -21.92 -1.51
N ILE B 217 29.62 -21.48 -1.00
CA ILE B 217 29.70 -20.17 -0.37
C ILE B 217 30.89 -19.38 -0.86
N LYS B 218 30.67 -18.11 -1.16
CA LYS B 218 31.75 -17.20 -1.50
C LYS B 218 31.74 -15.97 -0.62
N VAL B 219 32.91 -15.39 -0.45
CA VAL B 219 33.08 -14.40 0.57
C VAL B 219 33.83 -13.22 -0.05
N TYR B 220 33.37 -12.00 0.16
CA TYR B 220 34.00 -10.85 -0.51
C TYR B 220 34.25 -9.78 0.55
N LYS B 221 35.44 -9.15 0.52
CA LYS B 221 35.79 -8.07 1.44
C LYS B 221 35.25 -6.73 0.93
N VAL B 222 34.55 -5.97 1.77
CA VAL B 222 34.06 -4.66 1.32
C VAL B 222 34.99 -3.56 1.82
N ASN B 224 34.45 0.77 2.10
CA ASN B 224 33.41 1.12 1.15
C ASN B 224 32.04 0.61 1.59
N ALA B 225 31.78 0.63 2.89
CA ALA B 225 30.45 0.26 3.41
C ALA B 225 29.39 1.00 2.58
N ALA B 226 29.77 2.15 2.04
CA ALA B 226 28.86 3.04 1.32
C ALA B 226 28.48 2.47 -0.03
N ASP B 227 29.34 1.66 -0.61
CA ASP B 227 29.04 1.05 -1.92
C ASP B 227 27.99 -0.06 -1.89
N LEU B 228 27.53 -0.45 -0.71
CA LEU B 228 26.54 -1.50 -0.59
C LEU B 228 25.14 -0.92 -0.76
N SER B 229 24.23 -1.69 -1.34
CA SER B 229 22.85 -1.25 -1.52
C SER B 229 22.02 -1.58 -0.31
N GLU B 230 20.87 -0.93 -0.19
CA GLU B 230 19.99 -1.15 0.96
C GLU B 230 19.02 -2.27 0.62
N SER B 231 18.71 -2.41 -0.66
CA SER B 231 17.96 -3.60 -1.11
C SER B 231 18.72 -4.92 -1.06
N TYR B 232 20.02 -4.88 -0.84
CA TYR B 232 20.83 -6.09 -0.78
C TYR B 232 21.05 -6.82 -2.11
N PHE B 233 20.50 -6.30 -3.21
CA PHE B 233 21.08 -6.62 -4.52
C PHE B 233 22.57 -6.28 -4.55
N VAL B 234 23.38 -7.25 -4.97
CA VAL B 234 24.80 -7.02 -4.99
C VAL B 234 25.40 -7.43 -6.35
N ASN B 235 26.35 -6.65 -6.86
CA ASN B 235 27.23 -7.14 -7.94
C ASN B 235 28.58 -7.47 -7.29
N PRO B 236 28.83 -8.76 -7.04
CA PRO B 236 29.95 -9.16 -6.18
C PRO B 236 31.26 -8.96 -6.89
N GLU B 237 31.21 -8.86 -8.23
CA GLU B 237 32.36 -8.58 -9.09
C GLU B 237 32.98 -7.22 -8.79
N ASN B 238 32.26 -6.41 -8.03
CA ASN B 238 32.77 -5.09 -7.68
C ASN B 238 33.61 -5.15 -6.40
N PHE B 239 33.77 -6.35 -5.84
CA PHE B 239 34.40 -6.49 -4.53
C PHE B 239 35.52 -7.52 -4.58
N GLU B 240 36.40 -7.47 -3.59
CA GLU B 240 37.52 -8.42 -3.53
C GLU B 240 37.08 -9.79 -3.07
N ASP B 241 37.24 -10.76 -3.96
CA ASP B 241 36.96 -12.16 -3.63
C ASP B 241 38.07 -12.63 -2.71
N VAL B 242 37.73 -12.93 -1.47
CA VAL B 242 38.73 -13.39 -0.51
C VAL B 242 38.34 -14.77 0.01
N THR B 243 37.59 -15.49 -0.83
CA THR B 243 37.09 -16.83 -0.51
C THR B 243 38.23 -17.76 -0.14
N ASN B 244 39.32 -17.68 -0.91
CA ASN B 244 40.42 -18.61 -0.76
C ASN B 244 41.18 -18.32 0.52
N SER B 245 40.97 -17.13 1.08
CA SER B 245 41.63 -16.71 2.31
C SER B 245 40.85 -17.06 3.61
N VAL B 246 39.57 -17.37 3.50
CA VAL B 246 38.71 -17.69 4.66
C VAL B 246 38.58 -19.21 4.86
N ASN B 247 38.17 -19.65 6.04
CA ASN B 247 38.03 -21.10 6.27
C ASN B 247 36.56 -21.50 6.29
N ILE B 248 36.13 -22.35 5.38
CA ILE B 248 34.72 -22.72 5.33
C ILE B 248 34.47 -24.20 5.55
N THR B 249 33.75 -24.51 6.61
CA THR B 249 33.46 -25.92 6.91
C THR B 249 32.00 -26.14 7.18
N PHE B 250 31.63 -27.40 7.32
CA PHE B 250 30.28 -27.74 7.75
C PHE B 250 30.38 -28.67 8.93
N PRO B 251 30.37 -28.10 10.15
CA PRO B 251 30.67 -28.89 11.34
C PRO B 251 29.45 -29.57 11.98
N ASN B 252 28.24 -29.21 11.58
CA ASN B 252 27.11 -29.95 12.10
C ASN B 252 26.11 -30.15 11.03
N PRO B 253 25.07 -30.96 11.33
CA PRO B 253 24.01 -31.23 10.37
C PRO B 253 23.35 -29.93 9.94
N ASN B 254 23.40 -29.65 8.63
CA ASN B 254 22.74 -28.46 8.09
C ASN B 254 23.28 -27.14 8.64
N GLN B 255 24.60 -27.02 8.74
CA GLN B 255 25.22 -25.78 9.19
C GLN B 255 26.54 -25.62 8.46
N TYR B 256 26.77 -24.39 8.01
CA TYR B 256 28.05 -24.00 7.48
C TYR B 256 28.73 -23.11 8.50
N LYS B 257 30.06 -23.00 8.42
CA LYS B 257 30.80 -22.14 9.31
C LYS B 257 31.82 -21.40 8.48
N VAL B 258 31.93 -20.12 8.73
CA VAL B 258 33.02 -19.35 8.12
C VAL B 258 33.90 -18.73 9.17
N GLU B 259 35.20 -19.04 9.14
CA GLU B 259 36.16 -18.33 10.00
C GLU B 259 37.04 -17.48 9.13
N PHE B 260 37.22 -16.22 9.50
CA PHE B 260 37.98 -15.28 8.68
C PHE B 260 39.48 -15.41 8.92
N PRO B 263 44.63 -11.74 9.44
CA PRO B 263 46.00 -11.98 9.84
C PRO B 263 46.21 -11.59 11.29
N ASP B 264 45.44 -10.59 11.73
CA ASP B 264 45.54 -10.07 13.08
C ASP B 264 44.39 -10.58 13.93
N ASP B 265 43.63 -11.53 13.37
CA ASP B 265 42.46 -12.17 14.02
C ASP B 265 41.26 -11.20 14.25
N GLN B 266 41.27 -10.08 13.54
CA GLN B 266 40.16 -9.12 13.62
C GLN B 266 39.66 -8.76 12.25
N ILE B 267 38.42 -8.33 12.14
CA ILE B 267 38.00 -7.65 10.94
C ILE B 267 37.52 -6.25 11.30
N THR B 268 37.67 -5.34 10.35
CA THR B 268 37.41 -3.93 10.59
C THR B 268 36.58 -3.36 9.46
N THR B 269 36.28 -4.20 8.47
CA THR B 269 35.52 -3.81 7.29
C THR B 269 34.37 -4.82 7.13
N PRO B 270 33.32 -4.44 6.39
CA PRO B 270 32.26 -5.42 6.13
C PRO B 270 32.72 -6.51 5.15
N TYR B 271 32.04 -7.65 5.17
CA TYR B 271 32.24 -8.69 4.17
C TYR B 271 30.90 -9.00 3.49
N ILE B 272 30.91 -9.34 2.21
CA ILE B 272 29.71 -9.94 1.64
C ILE B 272 29.78 -11.46 1.62
N VAL B 273 28.85 -12.16 2.28
CA VAL B 273 28.81 -13.59 2.11
C VAL B 273 27.68 -14.06 1.18
N VAL B 274 28.01 -14.79 0.12
CA VAL B 274 27.01 -15.25 -0.83
C VAL B 274 26.97 -16.75 -0.73
N VAL B 275 25.80 -17.29 -0.38
CA VAL B 275 25.53 -18.70 -0.32
C VAL B 275 24.65 -19.12 -1.50
N ASN B 276 25.11 -20.07 -2.29
CA ASN B 276 24.27 -20.69 -3.26
C ASN B 276 23.94 -22.08 -2.80
N GLY B 277 22.69 -22.30 -2.41
CA GLY B 277 22.34 -23.56 -1.80
C GLY B 277 21.27 -24.37 -2.46
N HIS B 278 20.78 -25.40 -1.75
CA HIS B 278 19.69 -26.23 -2.27
C HIS B 278 18.54 -26.27 -1.30
N ILE B 279 17.31 -26.50 -1.80
CA ILE B 279 16.13 -26.77 -0.94
C ILE B 279 15.67 -28.20 -1.14
N ASP B 280 14.97 -28.72 -0.14
CA ASP B 280 14.48 -30.07 -0.14
C ASP B 280 12.99 -30.02 -0.51
N PRO B 281 12.62 -30.70 -1.61
CA PRO B 281 11.27 -30.56 -2.09
C PRO B 281 10.32 -31.48 -1.36
N ASN B 282 10.81 -32.34 -0.49
CA ASN B 282 9.95 -33.26 0.24
C ASN B 282 9.65 -32.78 1.64
N SER B 283 10.27 -31.66 2.00
CA SER B 283 10.07 -31.04 3.30
C SER B 283 8.74 -30.30 3.33
N LYS B 284 8.08 -30.27 4.48
CA LYS B 284 6.76 -29.61 4.56
C LYS B 284 6.86 -28.14 4.86
N GLY B 285 8.05 -27.69 5.23
CA GLY B 285 8.29 -26.31 5.50
C GLY B 285 8.78 -25.62 4.23
N ASP B 286 9.10 -24.32 4.37
CA ASP B 286 9.60 -23.49 3.29
C ASP B 286 11.01 -23.11 3.66
N LEU B 287 11.63 -22.30 2.81
CA LEU B 287 12.94 -21.79 3.11
C LEU B 287 12.94 -20.92 4.39
N ALA B 288 13.61 -21.37 5.43
CA ALA B 288 13.70 -20.60 6.68
C ALA B 288 15.10 -20.70 7.31
N LEU B 289 15.84 -19.58 7.38
CA LEU B 289 17.27 -19.58 7.70
C LEU B 289 17.61 -18.71 8.93
N ARG B 290 18.68 -19.10 9.66
CA ARG B 290 19.33 -18.30 10.74
C ARG B 290 20.83 -18.14 10.45
N SER B 291 21.30 -16.90 10.29
CA SER B 291 22.73 -16.65 10.19
C SER B 291 23.15 -16.06 11.52
N THR B 292 24.18 -16.64 12.11
CA THR B 292 24.72 -16.03 13.35
C THR B 292 26.16 -15.50 13.25
N LEU B 293 26.34 -14.24 13.66
CA LEU B 293 27.67 -13.64 13.86
C LEU B 293 28.15 -13.64 15.33
N TYR B 294 29.36 -14.19 15.55
CA TYR B 294 29.99 -14.34 16.87
C TYR B 294 31.27 -13.57 16.92
N GLY B 295 31.55 -13.00 18.07
CA GLY B 295 32.87 -12.43 18.22
C GLY B 295 32.97 -11.67 19.48
N TYR B 296 34.14 -11.07 19.65
CA TYR B 296 34.45 -10.29 20.84
C TYR B 296 34.44 -8.81 20.58
N ASN B 297 34.16 -8.04 21.63
CA ASN B 297 34.31 -6.59 21.54
C ASN B 297 35.65 -6.11 22.08
N SER B 298 35.72 -4.84 22.46
CA SER B 298 36.97 -4.27 22.95
C SER B 298 37.23 -4.69 24.39
N ASN B 299 36.16 -5.04 25.11
CA ASN B 299 36.30 -5.62 26.45
C ASN B 299 36.69 -7.11 26.34
N ILE B 300 36.99 -7.57 25.14
CA ILE B 300 37.23 -9.00 24.90
C ILE B 300 36.14 -9.86 25.53
N ILE B 301 34.88 -9.55 25.21
CA ILE B 301 33.78 -10.40 25.58
C ILE B 301 32.99 -10.97 24.40
N TRP B 302 32.60 -12.23 24.53
CA TRP B 302 32.02 -13.02 23.47
C TRP B 302 30.52 -12.89 23.43
N ARG B 303 29.99 -12.42 22.30
CA ARG B 303 28.54 -12.46 22.05
C ARG B 303 28.23 -12.89 20.62
N SER B 304 26.95 -12.96 20.36
CA SER B 304 26.43 -13.21 19.02
C SER B 304 25.24 -12.36 18.58
N MET B 305 25.21 -12.03 17.29
CA MET B 305 24.03 -11.44 16.64
C MET B 305 23.44 -12.45 15.65
N SER B 306 22.17 -12.79 15.80
CA SER B 306 21.52 -13.73 14.86
C SER B 306 20.51 -13.01 13.99
N TRP B 307 20.36 -13.50 12.76
CA TRP B 307 19.50 -12.90 11.72
C TRP B 307 18.70 -13.96 10.97
N ASP B 308 17.38 -13.97 11.14
CA ASP B 308 16.48 -14.93 10.47
C ASP B 308 16.17 -14.47 9.05
N ASN B 309 16.05 -15.41 8.11
CA ASN B 309 15.48 -15.13 6.81
C ASN B 309 14.29 -16.00 6.57
N GLU B 310 13.18 -15.40 6.22
CA GLU B 310 11.99 -16.17 5.88
C GLU B 310 11.31 -15.70 4.58
N VAL B 311 10.40 -16.53 4.08
CA VAL B 311 9.66 -16.22 2.86
C VAL B 311 8.15 -16.42 2.95
N ALA B 312 7.43 -15.79 2.03
CA ALA B 312 5.98 -15.88 1.93
C ALA B 312 5.67 -15.81 0.44
N PHE B 313 4.70 -16.58 -0.03
CA PHE B 313 4.38 -16.59 -1.46
C PHE B 313 2.96 -16.10 -1.66
N ASN B 314 2.75 -15.31 -2.70
CA ASN B 314 1.40 -14.78 -2.96
C ASN B 314 0.93 -15.25 -4.31
N ASN B 315 -0.37 -15.41 -4.46
CA ASN B 315 -0.93 -15.76 -5.73
C ASN B 315 -1.94 -14.69 -6.18
N GLY B 316 -1.93 -14.39 -7.47
CA GLY B 316 -2.95 -13.58 -8.11
C GLY B 316 -4.18 -14.32 -8.62
N SER B 317 -5.13 -13.57 -9.16
CA SER B 317 -6.40 -14.15 -9.51
C SER B 317 -7.05 -13.37 -10.65
N GLY B 318 -7.71 -14.05 -11.58
CA GLY B 318 -8.49 -13.34 -12.55
C GLY B 318 -9.74 -14.04 -12.97
N SER B 319 -10.77 -13.25 -13.31
CA SER B 319 -12.04 -13.80 -13.72
C SER B 319 -12.79 -12.88 -14.68
N GLY B 320 -13.64 -13.48 -15.48
CA GLY B 320 -14.62 -12.71 -16.24
C GLY B 320 -15.92 -13.46 -16.43
N ASP B 321 -16.78 -12.90 -17.27
CA ASP B 321 -17.75 -13.72 -18.01
C ASP B 321 -18.11 -13.10 -19.37
N GLY B 322 -19.26 -13.53 -19.87
CA GLY B 322 -19.63 -13.34 -21.24
C GLY B 322 -20.95 -14.05 -21.37
N ILE B 323 -21.79 -13.54 -22.26
CA ILE B 323 -23.05 -14.17 -22.59
C ILE B 323 -22.89 -14.72 -24.00
N ASP B 324 -23.69 -15.73 -24.33
CA ASP B 324 -23.83 -16.17 -25.72
C ASP B 324 -24.27 -15.05 -26.65
N CYS B 325 -23.55 -14.90 -27.76
CA CYS B 325 -23.84 -13.92 -28.78
C CYS B 325 -25.18 -14.24 -29.45
N PRO B 326 -25.91 -13.19 -29.88
CA PRO B 326 -27.11 -13.42 -30.67
C PRO B 326 -26.80 -14.35 -31.83
N VAL B 327 -27.64 -15.38 -32.02
N HIS C 2 -24.22 11.96 -23.51
CA HIS C 2 -23.64 11.25 -22.33
C HIS C 2 -22.18 11.62 -22.12
N HIS C 3 -21.84 11.98 -20.88
CA HIS C 3 -20.48 12.38 -20.51
C HIS C 3 -20.12 11.96 -19.08
N LEU C 4 -18.85 12.08 -18.73
CA LEU C 4 -18.31 11.48 -17.49
C LEU C 4 -17.15 12.20 -16.80
N GLY C 5 -17.34 12.57 -15.53
CA GLY C 5 -16.22 12.98 -14.64
C GLY C 5 -16.07 12.07 -13.43
N GLY C 6 -15.30 12.49 -12.44
CA GLY C 6 -15.16 11.66 -11.24
C GLY C 6 -14.42 12.38 -10.16
N ALA C 7 -14.57 11.89 -8.93
CA ALA C 7 -13.67 12.18 -7.85
C ALA C 7 -13.05 10.92 -7.22
N LYS C 8 -11.90 11.11 -6.61
CA LYS C 8 -11.31 10.06 -5.77
C LYS C 8 -10.94 10.66 -4.41
N GLN C 9 -11.16 9.90 -3.35
CA GLN C 9 -10.93 10.41 -2.01
C GLN C 9 -10.10 9.43 -1.22
N ALA C 10 -9.28 9.97 -0.31
CA ALA C 10 -8.29 9.25 0.43
C ALA C 10 -8.77 9.16 1.83
N GLY C 11 -8.26 8.18 2.56
CA GLY C 11 -8.73 7.86 3.92
C GLY C 11 -7.84 6.85 4.56
N ALA C 12 -8.10 6.60 5.84
CA ALA C 12 -7.19 5.89 6.69
C ALA C 12 -7.53 4.45 6.42
N VAL C 13 -6.57 3.53 6.54
CA VAL C 13 -6.88 2.13 6.26
C VAL C 13 -7.89 1.67 7.27
N GLN D 1 24.54 -11.44 25.71
CA GLN D 1 24.75 -12.79 25.12
C GLN D 1 24.54 -12.80 23.61
N HIS D 2 23.30 -12.96 23.17
CA HIS D 2 22.99 -12.95 21.75
C HIS D 2 21.75 -12.11 21.56
N HIS D 3 21.64 -11.41 20.44
CA HIS D 3 20.34 -10.80 20.07
C HIS D 3 19.91 -11.44 18.73
N LEU D 4 18.69 -11.14 18.28
CA LEU D 4 18.12 -11.75 17.07
C LEU D 4 17.40 -10.73 16.19
N GLY D 5 17.74 -10.67 14.91
CA GLY D 5 16.95 -9.88 13.97
C GLY D 5 16.36 -10.79 12.90
N GLY D 6 15.67 -10.22 11.92
CA GLY D 6 15.06 -11.05 10.87
C GLY D 6 14.48 -10.31 9.67
N ALA D 7 14.62 -10.91 8.49
CA ALA D 7 13.84 -10.50 7.32
C ALA D 7 12.79 -11.53 6.93
N LYS D 8 11.72 -11.03 6.29
CA LYS D 8 10.75 -11.84 5.57
C LYS D 8 10.55 -11.26 4.16
N GLN D 9 10.45 -12.14 3.17
CA GLN D 9 10.31 -11.68 1.78
C GLN D 9 9.22 -12.36 1.01
N ALA D 10 8.46 -11.59 0.22
CA ALA D 10 7.36 -12.12 -0.58
C ALA D 10 7.83 -12.53 -1.99
N GLY D 11 7.17 -13.49 -2.60
CA GLY D 11 7.57 -13.86 -3.94
C GLY D 11 6.45 -14.57 -4.60
N ALA D 12 6.62 -14.89 -5.86
CA ALA D 12 5.54 -15.55 -6.51
C ALA D 12 5.44 -17.00 -6.09
N VAL D 13 4.25 -17.55 -6.17
CA VAL D 13 4.06 -18.98 -5.96
C VAL D 13 4.77 -19.81 -7.04
#